data_2WLS
#
_entry.id   2WLS
#
_cell.length_a   78.480
_cell.length_b   110.305
_cell.length_c   227.604
_cell.angle_alpha   90.00
_cell.angle_beta   90.00
_cell.angle_gamma   90.00
#
_symmetry.space_group_name_H-M   'P 21 21 21'
#
loop_
_entity.id
_entity.type
_entity.pdbx_description
1 polymer ACETYLCHOLINESTERASE
2 non-polymer 2-acetamido-2-deoxy-beta-D-glucopyranose
3 non-polymer N,N,N-trimethyl-13-[(methylsulfonyl)sulfanyl]tridecan-1-aminium
4 non-polymer DI(HYDROXYETHYL)ETHER
5 non-polymer 'HEXAETHYLENE GLYCOL'
6 water water
#
_entity_poly.entity_id   1
_entity_poly.type   'polypeptide(L)'
_entity_poly.pdbx_seq_one_letter_code
;EGREDPQLLVRVRGGQLRGIRLKAPGGPVSAFLGIPFAEPPVGSRRFMPPEPKRPWSGVLDATTFQNVCYQYVDTLYPGF
EGTEMWNPNRELSEDCLYLNVWTPYPRPASPTPVLIWIYGGGFYSGAASLDVYDGRFLAQVEGAVLVSMNYRVGTFGFLA
LPGSREAPGNVGLLDQRLALQWVQENIAAFGGDPMSVTLFGESAGAASVGMHILSLPSRSLFHRAVLQSGTPNGPWATVS
AGEARRRATLLARLVGCPPGGAGGNDTELIACLRTRPAQDLVDHEWHVLPQESIFRFSFVPVVDGDFLSDTPEALINTGD
FQDLQVLVGVVKDEGSYFLVYGVPGFSKDNESLISRAQFLAGVRIGVPQASDLAAEAVVLHYTDWLHPEDPTHLRDAMSA
VVGDHNVVCPVAQLAGRLAAQGARVYAYIFEHRASTLTWPLWMGVPHGYEIEFIFGLPLDPSLNYTTEERIFAQRLMKYW
TNFARTGDPNDPRDSKSPQWPPYTTAAQQYVSLNLKPLEVRRGLRAQTCAFWNRFLPKLLSAT
;
_entity_poly.pdbx_strand_id   A,B
#
# COMPACT_ATOMS: atom_id res chain seq x y z
N GLU A 1 22.99 63.98 11.01
CA GLU A 1 21.58 64.05 11.38
C GLU A 1 21.15 65.50 11.59
N GLY A 2 20.03 65.67 12.28
CA GLY A 2 19.52 67.01 12.54
C GLY A 2 18.07 67.08 12.17
N ARG A 3 17.80 67.01 10.86
CA ARG A 3 16.45 67.12 10.32
C ARG A 3 15.85 65.77 9.92
N GLU A 4 16.54 64.69 10.25
CA GLU A 4 16.07 63.33 9.96
C GLU A 4 15.10 62.83 11.01
N ASP A 5 14.33 61.81 10.65
CA ASP A 5 13.46 61.16 11.61
C ASP A 5 14.30 60.47 12.67
N PRO A 6 14.19 60.91 13.93
CA PRO A 6 15.00 60.41 15.05
C PRO A 6 14.80 58.92 15.38
N GLN A 7 13.68 58.32 15.00
CA GLN A 7 13.42 56.91 15.35
C GLN A 7 13.87 55.92 14.27
N LEU A 8 14.65 56.42 13.30
CA LEU A 8 15.13 55.59 12.21
C LEU A 8 16.65 55.56 12.20
N LEU A 9 17.24 56.10 13.26
CA LEU A 9 18.68 56.09 13.41
C LEU A 9 19.04 55.10 14.51
N VAL A 10 19.85 54.12 14.16
CA VAL A 10 20.23 53.04 15.08
C VAL A 10 21.69 52.66 14.87
N ARG A 11 22.38 52.30 15.95
CA ARG A 11 23.78 51.88 15.85
C ARG A 11 23.89 50.39 16.07
N VAL A 12 24.71 49.74 15.25
CA VAL A 12 25.04 48.32 15.41
C VAL A 12 26.56 48.14 15.40
N ARG A 13 27.03 46.95 15.77
CA ARG A 13 28.45 46.70 16.02
C ARG A 13 29.38 47.22 14.92
N GLY A 14 28.88 47.32 13.71
CA GLY A 14 29.68 47.78 12.60
C GLY A 14 29.53 49.25 12.25
N GLY A 15 28.54 49.91 12.83
CA GLY A 15 28.40 51.35 12.60
C GLY A 15 26.99 51.90 12.66
N GLN A 16 26.82 53.15 12.28
CA GLN A 16 25.50 53.76 12.24
C GLN A 16 24.67 53.43 10.99
N LEU A 17 23.36 53.26 11.20
CA LEU A 17 22.42 52.95 10.11
C LEU A 17 21.26 53.92 10.12
N ARG A 18 20.75 54.22 8.94
CA ARG A 18 19.52 54.99 8.82
C ARG A 18 18.47 54.12 8.14
N GLY A 19 17.39 53.83 8.86
CA GLY A 19 16.31 53.01 8.34
C GLY A 19 15.24 53.81 7.63
N ILE A 20 14.08 53.19 7.42
CA ILE A 20 13.00 53.85 6.71
C ILE A 20 11.63 53.53 7.32
N ARG A 21 10.75 54.53 7.31
CA ARG A 21 9.41 54.37 7.85
C ARG A 21 8.49 53.89 6.74
N LEU A 22 7.96 52.69 6.88
CA LEU A 22 7.10 52.14 5.83
C LEU A 22 5.65 52.15 6.26
N LYS A 23 4.76 52.29 5.28
CA LYS A 23 3.34 52.14 5.51
C LYS A 23 2.90 50.68 5.51
N ALA A 24 2.12 50.34 6.51
CA ALA A 24 1.40 49.08 6.56
C ALA A 24 -0.06 49.44 6.83
N PRO A 25 -0.99 48.58 6.40
CA PRO A 25 -2.44 48.88 6.52
C PRO A 25 -2.82 49.50 7.87
N GLY A 26 -2.30 48.94 8.95
CA GLY A 26 -2.64 49.42 10.28
C GLY A 26 -1.70 50.45 10.88
N GLY A 27 -0.70 50.91 10.10
CA GLY A 27 0.24 51.91 10.60
C GLY A 27 1.68 51.70 10.16
N PRO A 28 2.58 52.60 10.56
CA PRO A 28 3.95 52.62 10.07
C PRO A 28 4.78 51.49 10.66
N VAL A 29 5.81 51.06 9.94
CA VAL A 29 6.80 50.18 10.54
C VAL A 29 8.21 50.72 10.28
N SER A 30 9.14 50.36 11.15
CA SER A 30 10.54 50.70 10.96
C SER A 30 11.18 49.60 10.11
N ALA A 31 11.91 49.97 9.07
CA ALA A 31 12.59 48.98 8.26
C ALA A 31 14.04 49.35 8.06
N PHE A 32 14.93 48.39 8.27
CA PHE A 32 16.34 48.59 8.02
C PHE A 32 16.79 47.54 7.03
N LEU A 33 17.00 47.96 5.80
CA LEU A 33 17.23 47.04 4.70
C LEU A 33 18.66 47.14 4.16
N GLY A 34 19.24 45.99 3.82
CA GLY A 34 20.56 45.98 3.25
C GLY A 34 21.68 46.22 4.24
N ILE A 35 21.45 45.85 5.49
CA ILE A 35 22.54 45.86 6.46
C ILE A 35 23.56 44.75 6.14
N PRO A 36 24.83 45.13 5.88
CA PRO A 36 25.88 44.15 5.57
C PRO A 36 26.21 43.39 6.82
N PHE A 37 26.39 42.09 6.75
CA PHE A 37 26.73 41.34 7.95
C PHE A 37 27.99 40.50 7.72
N ALA A 38 28.62 40.71 6.56
CA ALA A 38 29.81 39.96 6.17
C ALA A 38 30.63 40.73 5.13
N GLU A 39 31.92 40.45 5.07
CA GLU A 39 32.76 40.97 4.00
C GLU A 39 32.27 40.36 2.69
N PRO A 40 32.14 41.20 1.65
CA PRO A 40 31.72 40.71 0.33
C PRO A 40 32.51 39.46 -0.04
N PRO A 41 31.82 38.33 -0.26
CA PRO A 41 32.49 37.05 -0.53
C PRO A 41 32.95 36.95 -1.98
N VAL A 42 33.68 37.97 -2.42
CA VAL A 42 34.07 38.08 -3.82
C VAL A 42 35.57 37.81 -4.00
N GLY A 43 36.00 37.68 -5.26
CA GLY A 43 37.40 37.47 -5.56
C GLY A 43 37.98 36.22 -4.92
N SER A 44 39.08 36.40 -4.18
CA SER A 44 39.74 35.29 -3.52
C SER A 44 38.88 34.71 -2.41
N ARG A 45 37.76 35.37 -2.12
CA ARG A 45 36.85 34.87 -1.10
C ARG A 45 35.68 34.02 -1.64
N ARG A 46 35.57 33.89 -2.97
CA ARG A 46 34.57 32.99 -3.55
C ARG A 46 34.80 31.57 -3.02
N PHE A 47 33.71 30.85 -2.71
CA PHE A 47 33.75 29.50 -2.11
C PHE A 47 34.22 29.45 -0.63
N MET A 48 34.76 30.55 -0.12
CA MET A 48 35.27 30.60 1.25
C MET A 48 34.18 30.92 2.27
N PRO A 49 34.37 30.45 3.51
CA PRO A 49 33.53 30.84 4.65
C PRO A 49 33.47 32.36 4.81
N PRO A 50 32.33 32.88 5.28
CA PRO A 50 32.14 34.32 5.42
C PRO A 50 33.00 34.88 6.54
N GLU A 51 33.53 36.08 6.34
CA GLU A 51 34.14 36.82 7.43
C GLU A 51 33.21 37.95 7.81
N PRO A 52 33.03 38.17 9.13
CA PRO A 52 32.25 39.27 9.69
C PRO A 52 32.56 40.61 9.01
N LYS A 53 31.53 41.44 8.85
CA LYS A 53 31.66 42.73 8.18
C LYS A 53 32.54 43.69 8.98
N ARG A 54 33.52 44.28 8.30
CA ARG A 54 34.41 45.24 8.92
C ARG A 54 33.67 46.56 9.12
N PRO A 55 33.77 47.15 10.33
CA PRO A 55 33.04 48.37 10.71
C PRO A 55 33.21 49.46 9.66
N TRP A 56 32.16 50.24 9.45
CA TRP A 56 32.20 51.30 8.47
C TRP A 56 32.09 52.63 9.19
N SER A 57 32.29 53.70 8.46
CA SER A 57 32.25 55.02 9.06
C SER A 57 31.05 55.79 8.53
N GLY A 58 30.49 56.63 9.37
CA GLY A 58 29.34 57.40 8.97
C GLY A 58 28.09 56.56 9.03
N VAL A 59 27.01 57.14 8.52
CA VAL A 59 25.71 56.49 8.57
C VAL A 59 25.45 55.74 7.27
N LEU A 60 25.40 54.42 7.38
CA LEU A 60 25.03 53.57 6.28
C LEU A 60 23.53 53.72 6.01
N ASP A 61 23.18 54.05 4.77
CA ASP A 61 21.76 54.10 4.40
C ASP A 61 21.16 52.69 4.31
N ALA A 62 20.10 52.44 5.07
CA ALA A 62 19.50 51.12 5.11
C ALA A 62 18.04 51.18 4.70
N THR A 63 17.78 51.91 3.62
CA THR A 63 16.42 52.20 3.18
C THR A 63 15.97 51.36 1.97
N THR A 64 16.88 50.58 1.40
CA THR A 64 16.51 49.73 0.27
C THR A 64 17.16 48.35 0.33
N PHE A 65 16.53 47.40 -0.34
CA PHE A 65 17.09 46.06 -0.42
C PHE A 65 18.39 46.10 -1.21
N GLN A 66 19.27 45.19 -0.86
CA GLN A 66 20.58 45.11 -1.48
C GLN A 66 20.58 44.09 -2.61
N ASN A 67 21.75 43.88 -3.21
CA ASN A 67 21.93 42.85 -4.23
C ASN A 67 21.39 41.49 -3.83
N VAL A 68 20.90 40.77 -4.82
CA VAL A 68 20.57 39.37 -4.66
C VAL A 68 21.76 38.50 -5.05
N CYS A 69 22.01 37.45 -4.27
CA CYS A 69 23.11 36.53 -4.50
C CYS A 69 23.06 35.94 -5.89
N TYR A 70 24.22 35.90 -6.55
CA TYR A 70 24.28 35.47 -7.93
C TYR A 70 23.61 34.11 -8.12
N GLN A 71 22.72 34.01 -9.10
CA GLN A 71 21.98 32.78 -9.26
C GLN A 71 21.29 32.63 -10.62
N TYR A 72 20.88 31.39 -10.88
CA TYR A 72 20.07 31.04 -12.03
C TYR A 72 18.70 31.75 -12.01
N VAL A 73 18.27 32.23 -13.17
CA VAL A 73 16.99 32.91 -13.29
C VAL A 73 16.02 32.09 -14.13
N ASP A 74 14.80 31.93 -13.63
CA ASP A 74 13.84 31.05 -14.26
C ASP A 74 13.35 31.59 -15.61
N THR A 75 13.29 30.69 -16.58
CA THR A 75 12.91 31.04 -17.95
C THR A 75 11.72 30.21 -18.44
N LEU A 76 11.27 29.27 -17.61
CA LEU A 76 10.19 28.37 -17.99
C LEU A 76 8.96 29.08 -18.56
N TYR A 77 8.52 30.14 -17.89
CA TYR A 77 7.31 30.85 -18.33
C TYR A 77 7.46 32.36 -18.21
N PRO A 78 8.18 32.96 -19.17
CA PRO A 78 8.44 34.41 -19.22
C PRO A 78 7.23 35.27 -18.88
N GLY A 79 7.36 36.14 -17.88
CA GLY A 79 6.31 37.08 -17.52
C GLY A 79 5.18 36.52 -16.69
N PHE A 80 5.16 35.20 -16.52
CA PHE A 80 4.10 34.55 -15.77
C PHE A 80 4.30 34.84 -14.28
N GLU A 81 3.29 35.43 -13.67
CA GLU A 81 3.36 35.83 -12.26
C GLU A 81 3.81 34.67 -11.38
N GLY A 82 3.27 33.49 -11.67
CA GLY A 82 3.52 32.32 -10.86
C GLY A 82 4.99 31.99 -10.70
N THR A 83 5.79 32.23 -11.73
CA THR A 83 7.22 32.01 -11.64
C THR A 83 7.98 33.31 -11.30
N GLU A 84 7.54 34.43 -11.86
CA GLU A 84 8.24 35.70 -11.65
C GLU A 84 8.28 36.17 -10.21
N MET A 85 7.28 35.79 -9.43
CA MET A 85 7.24 36.19 -8.03
C MET A 85 8.42 35.59 -7.26
N TRP A 86 9.03 34.53 -7.79
CA TRP A 86 10.17 33.94 -7.11
C TRP A 86 11.50 34.42 -7.70
N ASN A 87 11.44 35.09 -8.85
CA ASN A 87 12.65 35.53 -9.51
C ASN A 87 13.31 36.68 -8.79
N PRO A 88 14.63 36.82 -8.95
CA PRO A 88 15.36 37.93 -8.32
C PRO A 88 14.72 39.27 -8.66
N ASN A 89 14.71 40.19 -7.69
CA ASN A 89 14.05 41.48 -7.86
C ASN A 89 15.00 42.62 -7.60
N ARG A 90 16.29 42.28 -7.59
CA ARG A 90 17.37 43.24 -7.47
CA ARG A 90 17.36 43.27 -7.54
C ARG A 90 18.55 42.77 -8.32
N GLU A 91 19.53 43.64 -8.52
CA GLU A 91 20.72 43.25 -9.28
C GLU A 91 21.36 41.99 -8.68
N LEU A 92 21.77 41.08 -9.56
CA LEU A 92 22.53 39.91 -9.14
C LEU A 92 23.99 40.28 -8.82
N SER A 93 24.54 39.73 -7.77
CA SER A 93 25.91 40.05 -7.40
C SER A 93 26.48 39.04 -6.42
N GLU A 94 27.79 38.83 -6.50
CA GLU A 94 28.44 37.95 -5.54
C GLU A 94 28.56 38.68 -4.23
N ASP A 95 28.51 40.02 -4.30
CA ASP A 95 28.45 40.86 -3.11
C ASP A 95 26.97 41.01 -2.76
N CYS A 96 26.52 40.21 -1.80
CA CYS A 96 25.11 40.01 -1.56
C CYS A 96 24.78 39.65 -0.11
N LEU A 97 25.79 39.58 0.75
CA LEU A 97 25.55 39.21 2.15
C LEU A 97 24.99 40.38 2.99
N TYR A 98 23.68 40.58 2.92
CA TYR A 98 23.06 41.66 3.64
C TYR A 98 21.85 41.07 4.30
N LEU A 99 21.42 41.64 5.42
CA LEU A 99 20.17 41.21 6.04
C LEU A 99 19.22 42.40 6.20
N ASN A 100 17.97 42.10 6.52
CA ASN A 100 16.95 43.12 6.68
C ASN A 100 16.25 42.96 8.02
N VAL A 101 15.86 44.09 8.60
CA VAL A 101 15.13 44.08 9.86
C VAL A 101 13.83 44.87 9.77
N TRP A 102 12.74 44.27 10.22
CA TRP A 102 11.49 45.02 10.35
C TRP A 102 11.09 45.02 11.82
N THR A 103 10.71 46.18 12.32
CA THR A 103 10.25 46.33 13.70
C THR A 103 9.06 47.26 13.72
N PRO A 104 8.28 47.21 14.80
CA PRO A 104 7.20 48.19 15.00
C PRO A 104 7.75 49.61 14.94
N TYR A 105 6.87 50.59 14.80
CA TYR A 105 7.26 51.99 14.76
C TYR A 105 6.36 52.83 15.66
N PRO A 106 6.97 53.50 16.64
CA PRO A 106 8.41 53.47 16.88
C PRO A 106 8.78 52.13 17.47
N ARG A 107 10.08 51.86 17.54
CA ARG A 107 10.57 50.56 18.02
C ARG A 107 10.03 50.23 19.39
N PRO A 108 9.80 48.93 19.66
CA PRO A 108 9.16 48.39 20.86
C PRO A 108 9.81 48.78 22.20
N ALA A 109 8.96 48.86 23.23
CA ALA A 109 9.37 49.27 24.58
C ALA A 109 10.23 48.22 25.28
N SER A 110 9.64 47.06 25.52
CA SER A 110 10.36 45.94 26.10
C SER A 110 10.92 45.08 24.98
N PRO A 111 11.86 44.17 25.31
CA PRO A 111 12.47 43.29 24.30
C PRO A 111 11.47 42.34 23.64
N THR A 112 11.34 42.45 22.33
CA THR A 112 10.36 41.68 21.57
C THR A 112 10.98 40.41 21.01
N PRO A 113 10.23 39.29 21.05
CA PRO A 113 10.67 38.04 20.42
C PRO A 113 10.99 38.26 18.94
N VAL A 114 12.04 37.59 18.46
CA VAL A 114 12.56 37.81 17.12
C VAL A 114 12.27 36.64 16.18
N LEU A 115 11.72 36.93 15.00
CA LEU A 115 11.55 35.90 13.98
C LEU A 115 12.65 36.02 12.97
N ILE A 116 13.23 34.89 12.55
CA ILE A 116 14.23 34.93 11.49
C ILE A 116 13.86 34.09 10.28
N TRP A 117 13.60 34.75 9.17
CA TRP A 117 13.23 34.06 7.94
C TRP A 117 14.42 33.57 7.14
N ILE A 118 14.33 32.34 6.66
CA ILE A 118 15.32 31.82 5.73
C ILE A 118 14.62 31.34 4.46
N TYR A 119 14.81 32.07 3.38
CA TYR A 119 14.13 31.73 2.13
C TYR A 119 14.59 30.40 1.57
N GLY A 120 13.71 29.76 0.81
CA GLY A 120 14.03 28.52 0.13
C GLY A 120 14.25 28.77 -1.34
N GLY A 121 14.24 27.70 -2.14
CA GLY A 121 14.58 27.82 -3.54
C GLY A 121 15.69 26.83 -3.92
N GLY A 122 15.60 25.62 -3.37
CA GLY A 122 16.47 24.52 -3.78
C GLY A 122 17.97 24.70 -3.54
N PHE A 123 18.34 25.67 -2.71
CA PHE A 123 19.75 26.03 -2.53
C PHE A 123 20.41 26.61 -3.79
N TYR A 124 19.64 26.85 -4.85
CA TYR A 124 20.19 27.45 -6.07
C TYR A 124 19.58 28.82 -6.34
N SER A 125 18.60 29.21 -5.54
CA SER A 125 17.93 30.47 -5.80
C SER A 125 17.36 31.00 -4.50
N GLY A 126 16.78 32.20 -4.57
CA GLY A 126 16.17 32.81 -3.40
C GLY A 126 16.74 34.19 -3.11
N ALA A 127 16.01 34.95 -2.31
CA ALA A 127 16.34 36.33 -2.02
C ALA A 127 15.41 36.76 -0.88
N ALA A 128 15.89 37.57 0.03
CA ALA A 128 15.07 37.96 1.17
C ALA A 128 14.31 39.24 0.85
N SER A 129 14.49 39.73 -0.37
CA SER A 129 13.86 40.96 -0.83
C SER A 129 12.58 40.73 -1.66
N LEU A 130 12.23 39.47 -1.89
CA LEU A 130 10.99 39.14 -2.58
C LEU A 130 9.79 39.71 -1.83
N ASP A 131 8.74 40.00 -2.57
CA ASP A 131 7.53 40.57 -1.99
C ASP A 131 6.83 39.68 -0.97
N VAL A 132 6.80 38.37 -1.23
CA VAL A 132 6.16 37.44 -0.32
C VAL A 132 6.89 37.30 1.01
N TYR A 133 8.08 37.87 1.11
CA TYR A 133 8.85 37.79 2.34
C TYR A 133 8.85 39.13 3.07
N ASP A 134 7.85 39.96 2.81
CA ASP A 134 7.75 41.29 3.41
C ASP A 134 7.33 41.22 4.87
N GLY A 135 8.27 41.55 5.76
CA GLY A 135 8.02 41.47 7.19
C GLY A 135 7.22 42.61 7.76
N ARG A 136 6.75 43.53 6.93
CA ARG A 136 6.08 44.73 7.44
C ARG A 136 4.76 44.41 8.14
N PHE A 137 4.09 43.35 7.70
CA PHE A 137 2.79 42.99 8.26
C PHE A 137 2.93 42.29 9.62
N LEU A 138 3.87 41.35 9.73
CA LEU A 138 4.11 40.70 11.00
C LEU A 138 4.59 41.74 12.03
N ALA A 139 5.47 42.64 11.59
CA ALA A 139 5.99 43.68 12.48
C ALA A 139 4.87 44.61 12.97
N GLN A 140 4.06 45.11 12.05
CA GLN A 140 2.99 46.04 12.39
C GLN A 140 1.87 45.36 13.18
N VAL A 141 1.29 44.30 12.60
CA VAL A 141 0.11 43.69 13.18
C VAL A 141 0.42 42.87 14.41
N GLU A 142 1.59 42.25 14.44
CA GLU A 142 1.92 41.37 15.55
C GLU A 142 3.00 41.96 16.45
N GLY A 143 3.51 43.12 16.06
CA GLY A 143 4.58 43.77 16.81
C GLY A 143 5.88 42.98 16.83
N ALA A 144 6.05 42.06 15.89
CA ALA A 144 7.24 41.20 15.87
C ALA A 144 8.50 41.92 15.36
N VAL A 145 9.67 41.46 15.81
CA VAL A 145 10.89 41.90 15.17
C VAL A 145 11.25 40.81 14.17
N LEU A 146 11.32 41.18 12.89
CA LEU A 146 11.51 40.20 11.84
C LEU A 146 12.79 40.46 11.08
N VAL A 147 13.56 39.39 10.88
CA VAL A 147 14.86 39.49 10.25
C VAL A 147 14.96 38.45 9.17
N SER A 148 15.37 38.89 7.99
CA SER A 148 15.72 37.95 6.91
C SER A 148 17.10 38.24 6.35
N MET A 149 17.82 37.20 5.95
CA MET A 149 19.14 37.42 5.40
C MET A 149 19.30 36.83 4.01
N ASN A 150 20.23 37.39 3.25
CA ASN A 150 20.72 36.71 2.06
C ASN A 150 21.80 35.72 2.45
N TYR A 151 21.87 34.63 1.71
CA TYR A 151 22.95 33.67 1.88
C TYR A 151 23.31 33.16 0.49
N ARG A 152 24.56 32.74 0.30
CA ARG A 152 25.00 32.30 -1.01
C ARG A 152 24.34 31.00 -1.42
N VAL A 153 23.85 30.97 -2.65
CA VAL A 153 23.20 29.80 -3.22
C VAL A 153 24.06 29.22 -4.32
N GLY A 154 23.59 28.11 -4.90
CA GLY A 154 24.26 27.47 -6.01
C GLY A 154 25.72 27.17 -5.74
N THR A 155 26.55 27.29 -6.77
CA THR A 155 27.98 27.01 -6.62
C THR A 155 28.58 27.89 -5.55
N PHE A 156 28.24 29.16 -5.56
CA PHE A 156 28.89 30.12 -4.67
C PHE A 156 28.61 29.77 -3.22
N GLY A 157 27.46 29.15 -2.98
CA GLY A 157 27.07 28.81 -1.64
C GLY A 157 27.41 27.39 -1.22
N PHE A 158 27.57 26.48 -2.17
CA PHE A 158 27.62 25.06 -1.84
C PHE A 158 28.57 24.17 -2.62
N LEU A 159 29.23 24.72 -3.62
CA LEU A 159 30.24 23.93 -4.32
C LEU A 159 31.35 23.54 -3.35
N ALA A 160 31.62 22.26 -3.21
CA ALA A 160 32.59 21.81 -2.22
C ALA A 160 33.64 20.82 -2.76
N LEU A 161 34.88 21.06 -2.37
CA LEU A 161 35.88 20.02 -2.49
C LEU A 161 36.17 19.59 -1.07
N PRO A 162 35.34 18.67 -0.55
CA PRO A 162 35.37 18.34 0.87
C PRO A 162 36.79 18.00 1.32
N GLY A 163 37.20 18.52 2.47
CA GLY A 163 38.55 18.31 2.93
C GLY A 163 39.41 19.49 2.62
N SER A 164 39.20 20.13 1.47
CA SER A 164 40.05 21.21 1.05
C SER A 164 39.92 22.45 1.93
N ARG A 165 40.83 23.40 1.74
CA ARG A 165 40.85 24.62 2.53
C ARG A 165 40.12 25.73 1.79
N GLU A 166 40.14 25.67 0.46
CA GLU A 166 39.64 26.77 -0.36
C GLU A 166 38.19 26.56 -0.82
N ALA A 167 37.62 25.42 -0.47
CA ALA A 167 36.24 25.11 -0.82
C ALA A 167 35.73 23.99 0.08
N PRO A 168 35.55 24.30 1.36
CA PRO A 168 35.17 23.39 2.44
C PRO A 168 33.72 22.93 2.34
N GLY A 169 32.89 23.67 1.60
CA GLY A 169 31.49 23.35 1.48
C GLY A 169 30.61 23.96 2.58
N ASN A 170 29.30 23.97 2.34
CA ASN A 170 28.35 24.51 3.30
C ASN A 170 28.53 25.99 3.65
N VAL A 171 29.22 26.78 2.82
CA VAL A 171 29.44 28.17 3.19
C VAL A 171 28.13 28.96 3.17
N GLY A 172 27.18 28.52 2.37
CA GLY A 172 25.87 29.15 2.38
C GLY A 172 25.23 29.04 3.74
N LEU A 173 25.36 27.86 4.35
CA LEU A 173 24.89 27.65 5.71
C LEU A 173 25.64 28.53 6.71
N LEU A 174 26.93 28.71 6.46
CA LEU A 174 27.75 29.56 7.30
C LEU A 174 27.38 31.03 7.17
N ASP A 175 26.96 31.46 5.98
CA ASP A 175 26.43 32.81 5.80
C ASP A 175 25.25 32.97 6.76
N GLN A 176 24.37 31.95 6.73
CA GLN A 176 23.18 31.97 7.56
C GLN A 176 23.55 32.06 9.03
N ARG A 177 24.53 31.26 9.44
CA ARG A 177 24.92 31.22 10.85
C ARG A 177 25.50 32.57 11.32
N LEU A 178 26.29 33.19 10.46
CA LEU A 178 26.86 34.50 10.77
C LEU A 178 25.77 35.52 11.00
N ALA A 179 24.70 35.44 10.20
CA ALA A 179 23.59 36.37 10.40
C ALA A 179 22.87 36.06 11.72
N LEU A 180 22.85 34.79 12.12
CA LEU A 180 22.28 34.45 13.43
C LEU A 180 23.09 35.08 14.57
N GLN A 181 24.42 34.96 14.48
CA GLN A 181 25.30 35.60 15.45
C GLN A 181 25.06 37.11 15.44
N TRP A 182 25.09 37.68 14.25
CA TRP A 182 24.81 39.11 14.07
C TRP A 182 23.55 39.52 14.82
N VAL A 183 22.51 38.69 14.76
CA VAL A 183 21.29 38.98 15.48
C VAL A 183 21.52 38.93 16.99
N GLN A 184 22.20 37.89 17.48
CA GLN A 184 22.56 37.78 18.89
C GLN A 184 23.26 39.06 19.37
N GLU A 185 24.28 39.49 18.65
CA GLU A 185 25.02 40.67 19.09
C GLU A 185 24.27 42.00 18.97
N ASN A 186 23.35 42.11 18.02
CA ASN A 186 22.83 43.44 17.64
C ASN A 186 21.34 43.69 17.74
N ILE A 187 20.55 42.63 17.87
CA ILE A 187 19.12 42.82 17.69
C ILE A 187 18.49 43.65 18.82
N ALA A 188 19.14 43.69 19.97
CA ALA A 188 18.67 44.51 21.08
C ALA A 188 18.59 46.00 20.71
N ALA A 189 19.46 46.45 19.82
CA ALA A 189 19.45 47.85 19.35
C ALA A 189 18.17 48.22 18.62
N PHE A 190 17.35 47.23 18.30
CA PHE A 190 16.11 47.42 17.54
C PHE A 190 14.92 47.12 18.42
N GLY A 191 15.21 46.62 19.62
CA GLY A 191 14.16 46.29 20.57
C GLY A 191 13.89 44.81 20.53
N GLY A 192 14.74 44.07 19.84
CA GLY A 192 14.61 42.63 19.77
C GLY A 192 15.24 41.89 20.94
N ASP A 193 14.72 40.70 21.21
CA ASP A 193 15.16 39.91 22.35
C ASP A 193 16.02 38.75 21.88
N PRO A 194 17.35 38.86 22.02
CA PRO A 194 18.26 37.80 21.59
C PRO A 194 18.02 36.51 22.38
N MET A 195 17.25 36.60 23.45
CA MET A 195 16.92 35.44 24.26
C MET A 195 15.69 34.71 23.72
N SER A 196 14.98 35.35 22.80
CA SER A 196 13.84 34.72 22.14
C SER A 196 13.93 34.82 20.60
N VAL A 197 14.65 33.87 20.01
CA VAL A 197 14.87 33.85 18.57
C VAL A 197 14.30 32.56 17.97
N THR A 198 13.31 32.72 17.09
CA THR A 198 12.72 31.61 16.36
C THR A 198 13.17 31.63 14.91
N LEU A 199 13.64 30.48 14.41
CA LEU A 199 13.94 30.32 13.00
C LEU A 199 12.72 29.81 12.24
N PHE A 200 12.45 30.38 11.09
CA PHE A 200 11.43 29.81 10.20
C PHE A 200 11.81 29.98 8.74
N GLY A 201 11.44 29.00 7.94
CA GLY A 201 11.88 28.94 6.55
C GLY A 201 11.10 27.90 5.80
N GLU A 202 11.21 27.94 4.47
CA GLU A 202 10.38 27.10 3.63
C GLU A 202 11.24 26.44 2.58
N SER A 203 10.88 25.21 2.16
CA SER A 203 11.66 24.51 1.13
C SER A 203 13.13 24.32 1.61
N ALA A 204 14.11 24.78 0.84
CA ALA A 204 15.51 24.66 1.27
C ALA A 204 15.76 25.55 2.50
N GLY A 205 14.89 26.55 2.68
CA GLY A 205 14.90 27.37 3.89
C GLY A 205 14.62 26.49 5.10
N ALA A 206 13.60 25.64 4.99
CA ALA A 206 13.25 24.72 6.06
C ALA A 206 14.36 23.69 6.33
N ALA A 207 14.92 23.09 5.27
CA ALA A 207 16.02 22.16 5.46
C ALA A 207 17.20 22.86 6.16
N SER A 208 17.41 24.13 5.82
CA SER A 208 18.44 24.94 6.43
C SER A 208 18.21 25.07 7.92
N VAL A 209 16.97 25.41 8.30
CA VAL A 209 16.61 25.53 9.71
C VAL A 209 16.91 24.18 10.37
N GLY A 210 16.55 23.11 9.69
CA GLY A 210 16.81 21.77 10.19
C GLY A 210 18.29 21.54 10.43
N MET A 211 19.14 22.05 9.55
CA MET A 211 20.57 21.81 9.73
C MET A 211 21.15 22.61 10.86
N HIS A 212 20.54 23.75 11.16
CA HIS A 212 21.00 24.52 12.30
C HIS A 212 20.64 23.81 13.60
N ILE A 213 19.55 23.07 13.59
CA ILE A 213 19.16 22.30 14.74
C ILE A 213 20.14 21.17 14.93
N LEU A 214 20.68 20.66 13.84
CA LEU A 214 21.58 19.51 13.90
C LEU A 214 23.05 19.92 14.00
N SER A 215 23.32 21.21 14.10
CA SER A 215 24.70 21.66 14.15
C SER A 215 24.97 22.42 15.43
N LEU A 216 25.74 21.80 16.32
CA LEU A 216 26.08 22.37 17.64
C LEU A 216 26.32 23.88 17.64
N PRO A 217 27.30 24.35 16.86
CA PRO A 217 27.59 25.78 16.91
C PRO A 217 26.38 26.66 16.62
N SER A 218 25.38 26.17 15.90
CA SER A 218 24.19 26.96 15.60
C SER A 218 23.18 26.89 16.72
N ARG A 219 23.27 25.81 17.49
CA ARG A 219 22.25 25.49 18.48
C ARG A 219 22.00 26.62 19.48
N SER A 220 23.07 27.27 19.89
CA SER A 220 23.00 28.34 20.88
C SER A 220 22.61 29.68 20.30
N LEU A 221 22.11 29.73 19.06
CA LEU A 221 21.86 31.00 18.40
C LEU A 221 20.38 31.22 18.21
N PHE A 222 19.60 30.21 18.60
CA PHE A 222 18.14 30.29 18.49
C PHE A 222 17.50 29.33 19.48
N HIS A 223 16.21 29.53 19.72
CA HIS A 223 15.51 28.78 20.76
C HIS A 223 14.38 27.87 20.24
N ARG A 224 13.76 28.28 19.13
CA ARG A 224 12.65 27.53 18.57
C ARG A 224 12.71 27.55 17.06
N ALA A 225 12.00 26.62 16.41
CA ALA A 225 12.10 26.52 14.96
C ALA A 225 10.80 26.11 14.28
N VAL A 226 10.56 26.71 13.11
CA VAL A 226 9.51 26.27 12.20
C VAL A 226 10.09 25.81 10.87
N LEU A 227 9.71 24.61 10.45
CA LEU A 227 10.09 24.10 9.14
C LEU A 227 8.85 23.96 8.27
N GLN A 228 8.74 24.78 7.24
CA GLN A 228 7.61 24.66 6.31
C GLN A 228 8.03 23.96 5.02
N SER A 229 7.40 22.81 4.74
CA SER A 229 7.63 22.05 3.50
C SER A 229 9.11 21.76 3.20
N GLY A 230 9.84 21.30 4.21
CA GLY A 230 11.22 20.96 3.99
C GLY A 230 11.91 20.39 5.20
N THR A 231 12.92 19.57 4.96
CA THR A 231 13.60 18.90 6.03
C THR A 231 15.04 18.72 5.67
N PRO A 232 15.91 18.63 6.68
CA PRO A 232 17.34 18.36 6.50
C PRO A 232 17.55 16.92 6.02
N ASN A 233 16.68 15.99 6.44
CA ASN A 233 16.69 14.61 5.93
C ASN A 233 15.95 14.55 4.58
N GLY A 234 15.85 13.37 3.99
CA GLY A 234 15.26 13.28 2.67
C GLY A 234 16.29 13.30 1.54
N PRO A 235 15.81 13.15 0.30
CA PRO A 235 16.66 12.78 -0.83
C PRO A 235 17.39 13.94 -1.54
N TRP A 236 17.01 15.19 -1.28
CA TRP A 236 17.53 16.30 -2.07
C TRP A 236 18.34 17.33 -1.26
N ALA A 237 18.21 17.32 0.05
CA ALA A 237 18.76 18.44 0.84
C ALA A 237 20.26 18.35 1.14
N THR A 238 20.83 17.14 1.04
CA THR A 238 22.27 16.98 1.26
C THR A 238 22.91 16.05 0.23
N VAL A 239 24.23 16.11 0.13
CA VAL A 239 24.96 15.11 -0.65
C VAL A 239 26.13 14.61 0.16
N SER A 240 26.57 13.40 -0.15
CA SER A 240 27.77 12.85 0.47
C SER A 240 28.99 13.64 0.02
N ALA A 241 30.07 13.57 0.80
CA ALA A 241 31.30 14.23 0.39
C ALA A 241 31.72 13.75 -0.99
N GLY A 242 31.60 12.46 -1.21
CA GLY A 242 32.04 11.87 -2.48
C GLY A 242 31.31 12.50 -3.63
N GLU A 243 29.99 12.58 -3.51
CA GLU A 243 29.19 13.08 -4.61
C GLU A 243 29.44 14.57 -4.85
N ALA A 244 29.66 15.33 -3.78
CA ALA A 244 29.92 16.76 -3.93
C ALA A 244 31.26 17.01 -4.59
N ARG A 245 32.24 16.17 -4.26
CA ARG A 245 33.54 16.27 -4.90
C ARG A 245 33.33 16.00 -6.39
N ARG A 246 32.61 14.93 -6.68
CA ARG A 246 32.36 14.58 -8.06
C ARG A 246 31.70 15.72 -8.85
N ARG A 247 30.66 16.33 -8.29
CA ARG A 247 29.97 17.40 -8.99
C ARG A 247 30.82 18.65 -9.13
N ALA A 248 31.59 18.94 -8.08
CA ALA A 248 32.53 20.04 -8.11
C ALA A 248 33.53 19.88 -9.26
N THR A 249 34.13 18.70 -9.40
CA THR A 249 35.18 18.54 -10.41
C THR A 249 34.58 18.51 -11.82
N LEU A 250 33.40 17.90 -11.95
CA LEU A 250 32.71 17.89 -13.24
C LEU A 250 32.37 19.31 -13.69
N LEU A 251 31.96 20.16 -12.76
CA LEU A 251 31.66 21.53 -13.13
C LEU A 251 32.91 22.27 -13.57
N ALA A 252 34.01 22.10 -12.83
CA ALA A 252 35.30 22.69 -13.22
C ALA A 252 35.67 22.27 -14.63
N ARG A 253 35.62 20.98 -14.94
CA ARG A 253 35.78 20.53 -16.33
C ARG A 253 34.90 21.34 -17.31
N LEU A 254 33.59 21.35 -17.07
CA LEU A 254 32.64 22.04 -17.95
C LEU A 254 32.93 23.50 -18.22
N VAL A 255 33.62 24.18 -17.31
CA VAL A 255 33.97 25.58 -17.53
C VAL A 255 35.43 25.80 -17.92
N GLY A 256 36.21 24.72 -17.96
CA GLY A 256 37.58 24.78 -18.42
C GLY A 256 38.68 24.70 -17.37
N CYS A 257 38.60 23.72 -16.48
CA CYS A 257 39.54 23.57 -15.37
C CYS A 257 39.83 22.09 -15.09
N ASN A 265 45.22 17.93 -7.21
CA ASN A 265 45.35 19.06 -6.29
C ASN A 265 44.16 20.04 -6.38
N ASP A 266 43.46 20.22 -5.27
CA ASP A 266 42.27 21.05 -5.22
C ASP A 266 42.58 22.54 -5.34
N THR A 267 43.68 22.94 -4.74
CA THR A 267 44.08 24.34 -4.70
C THR A 267 44.10 24.97 -6.09
N GLU A 268 44.72 24.29 -7.02
CA GLU A 268 44.90 24.80 -8.37
C GLU A 268 43.57 24.79 -9.11
N LEU A 269 42.77 23.77 -8.80
CA LEU A 269 41.46 23.61 -9.38
C LEU A 269 40.56 24.77 -8.97
N ILE A 270 40.48 25.00 -7.67
CA ILE A 270 39.64 26.03 -7.10
C ILE A 270 40.11 27.37 -7.59
N ALA A 271 41.43 27.55 -7.55
CA ALA A 271 42.04 28.78 -8.03
C ALA A 271 41.57 29.10 -9.44
N CYS A 272 41.45 28.07 -10.27
CA CYS A 272 41.00 28.31 -11.64
C CYS A 272 39.54 28.73 -11.60
N LEU A 273 38.70 27.96 -10.91
CA LEU A 273 37.29 28.34 -10.76
C LEU A 273 37.11 29.79 -10.33
N ARG A 274 37.97 30.27 -9.43
CA ARG A 274 37.81 31.61 -8.91
C ARG A 274 38.05 32.68 -9.96
N THR A 275 38.56 32.27 -11.11
CA THR A 275 38.80 33.21 -12.21
C THR A 275 37.65 33.28 -13.19
N ARG A 276 36.75 32.31 -13.14
CA ARG A 276 35.63 32.28 -14.07
CA ARG A 276 35.64 32.29 -14.08
C ARG A 276 34.58 33.31 -13.66
N PRO A 277 33.93 33.94 -14.64
CA PRO A 277 32.90 34.91 -14.31
C PRO A 277 31.72 34.19 -13.66
N ALA A 278 31.06 34.84 -12.71
CA ALA A 278 29.94 34.23 -12.01
C ALA A 278 28.93 33.63 -12.98
N GLN A 279 28.65 34.32 -14.08
CA GLN A 279 27.66 33.81 -15.02
C GLN A 279 28.02 32.46 -15.66
N ASP A 280 29.30 32.23 -15.92
CA ASP A 280 29.73 30.92 -16.44
C ASP A 280 29.39 29.80 -15.47
N LEU A 281 29.60 30.03 -14.18
CA LEU A 281 29.30 29.02 -13.18
C LEU A 281 27.80 28.71 -13.20
N VAL A 282 26.99 29.75 -13.19
CA VAL A 282 25.55 29.58 -13.23
C VAL A 282 25.09 28.85 -14.50
N ASP A 283 25.66 29.23 -15.64
CA ASP A 283 25.30 28.65 -16.93
C ASP A 283 25.57 27.15 -17.05
N HIS A 284 26.37 26.59 -16.14
CA HIS A 284 26.69 25.16 -16.22
C HIS A 284 26.26 24.35 -15.02
N GLU A 285 25.71 25.00 -14.00
CA GLU A 285 25.45 24.28 -12.75
C GLU A 285 24.42 23.14 -12.88
N TRP A 286 23.48 23.23 -13.81
CA TRP A 286 22.48 22.16 -13.91
C TRP A 286 22.99 20.91 -14.62
N HIS A 287 24.19 21.00 -15.19
CA HIS A 287 24.68 19.91 -16.01
C HIS A 287 25.44 18.83 -15.25
N VAL A 288 25.60 18.99 -13.95
CA VAL A 288 26.41 18.04 -13.19
C VAL A 288 25.59 17.01 -12.41
N LEU A 289 24.27 17.00 -12.61
CA LEU A 289 23.42 16.01 -11.94
C LEU A 289 23.57 14.62 -12.53
N PRO A 290 23.58 13.59 -11.66
CA PRO A 290 23.84 12.21 -12.05
C PRO A 290 22.77 11.64 -12.98
N GLN A 291 21.50 12.00 -12.78
CA GLN A 291 20.44 11.50 -13.65
C GLN A 291 19.49 12.61 -13.99
N GLU A 292 18.71 12.41 -15.04
CA GLU A 292 17.57 13.26 -15.32
C GLU A 292 16.64 13.15 -14.12
N SER A 293 16.28 14.28 -13.52
CA SER A 293 15.52 14.20 -12.28
C SER A 293 14.74 15.47 -12.00
N ILE A 294 13.70 15.34 -11.18
CA ILE A 294 13.07 16.53 -10.61
C ILE A 294 13.32 16.55 -9.11
N PHE A 295 13.28 17.75 -8.54
CA PHE A 295 13.47 17.94 -7.12
C PHE A 295 14.85 17.44 -6.72
N ARG A 296 15.83 17.76 -7.56
CA ARG A 296 17.22 17.45 -7.29
C ARG A 296 18.02 18.64 -7.75
N PHE A 297 18.91 19.08 -6.87
CA PHE A 297 19.70 20.28 -7.12
C PHE A 297 21.18 19.98 -7.07
N SER A 298 21.93 20.68 -7.91
CA SER A 298 23.31 20.34 -8.11
C SER A 298 24.19 20.60 -6.90
N PHE A 299 23.99 21.76 -6.27
CA PHE A 299 24.86 22.19 -5.17
C PHE A 299 24.10 22.48 -3.89
N VAL A 300 24.22 21.57 -2.94
CA VAL A 300 23.46 21.62 -1.70
C VAL A 300 24.38 21.30 -0.52
N PRO A 301 23.87 21.45 0.72
CA PRO A 301 24.70 21.09 1.88
C PRO A 301 25.37 19.73 1.73
N VAL A 302 26.66 19.72 2.01
CA VAL A 302 27.43 18.49 1.97
C VAL A 302 27.62 17.94 3.40
N VAL A 303 27.58 16.62 3.54
CA VAL A 303 27.89 15.95 4.81
C VAL A 303 29.41 15.89 5.01
N ASP A 304 29.94 16.87 5.72
CA ASP A 304 31.38 17.07 5.79
C ASP A 304 32.06 16.57 7.08
N GLY A 305 31.29 15.98 7.99
CA GLY A 305 31.81 15.68 9.31
C GLY A 305 32.30 16.94 10.02
N ASP A 306 31.64 18.06 9.75
CA ASP A 306 31.97 19.34 10.36
C ASP A 306 30.70 20.11 10.70
N PHE A 307 30.18 20.92 9.76
CA PHE A 307 28.87 21.54 9.95
C PHE A 307 27.87 20.42 10.26
N LEU A 308 27.83 19.45 9.37
CA LEU A 308 27.07 18.23 9.58
C LEU A 308 28.05 17.14 9.92
N SER A 309 27.97 16.64 11.15
CA SER A 309 28.95 15.67 11.63
C SER A 309 28.65 14.27 11.10
N ASP A 310 27.37 14.01 10.82
CA ASP A 310 26.96 12.75 10.21
C ASP A 310 25.75 13.07 9.31
N THR A 311 25.09 12.06 8.75
CA THR A 311 23.91 12.35 7.95
C THR A 311 22.80 12.84 8.85
N PRO A 312 21.95 13.71 8.32
CA PRO A 312 20.75 14.16 9.05
C PRO A 312 19.93 12.96 9.49
N GLU A 313 19.83 11.95 8.64
CA GLU A 313 19.08 10.73 8.98
C GLU A 313 19.65 10.16 10.28
N ALA A 314 20.98 10.08 10.37
CA ALA A 314 21.65 9.56 11.55
C ALA A 314 21.41 10.46 12.75
N LEU A 315 21.72 11.74 12.61
CA LEU A 315 21.61 12.71 13.71
C LEU A 315 20.21 12.80 14.32
N ILE A 316 19.15 12.77 13.51
CA ILE A 316 17.82 12.81 14.07
C ILE A 316 17.46 11.49 14.76
N ASN A 317 18.15 10.42 14.40
CA ASN A 317 17.86 9.09 14.95
C ASN A 317 18.49 8.89 16.29
N THR A 318 19.38 9.80 16.68
CA THR A 318 20.17 9.58 17.87
C THR A 318 20.33 10.80 18.78
N GLY A 319 19.97 11.99 18.31
CA GLY A 319 20.16 13.19 19.10
C GLY A 319 19.12 13.37 20.19
N ASP A 320 19.47 14.12 21.24
CA ASP A 320 18.52 14.41 22.29
C ASP A 320 17.85 15.75 22.04
N PHE A 321 16.52 15.76 21.98
CA PHE A 321 15.78 16.99 21.66
C PHE A 321 14.83 17.43 22.77
N GLN A 322 15.26 17.21 24.00
CA GLN A 322 14.51 17.62 25.18
C GLN A 322 14.15 19.10 25.09
N ASP A 323 15.16 19.93 24.86
CA ASP A 323 14.99 21.38 24.99
C ASP A 323 14.37 22.07 23.78
N LEU A 324 13.65 21.33 22.94
CA LEU A 324 13.30 21.87 21.63
C LEU A 324 11.82 21.93 21.31
N GLN A 325 11.36 23.11 20.89
CA GLN A 325 10.04 23.26 20.30
C GLN A 325 10.08 23.53 18.79
N VAL A 326 9.22 22.83 18.06
CA VAL A 326 9.23 22.88 16.61
C VAL A 326 7.83 22.82 16.03
N LEU A 327 7.58 23.70 15.07
CA LEU A 327 6.37 23.64 14.28
C LEU A 327 6.78 23.17 12.89
N VAL A 328 6.11 22.15 12.36
CA VAL A 328 6.42 21.61 11.02
C VAL A 328 5.15 21.36 10.24
N GLY A 329 5.21 21.54 8.91
CA GLY A 329 4.05 21.27 8.10
C GLY A 329 4.31 21.14 6.62
N VAL A 330 3.24 20.98 5.86
CA VAL A 330 3.31 20.76 4.43
C VAL A 330 2.07 21.35 3.79
N VAL A 331 2.11 21.59 2.50
CA VAL A 331 0.93 22.05 1.77
C VAL A 331 0.27 20.85 1.12
N LYS A 332 -0.97 21.00 0.67
CA LYS A 332 -1.72 19.86 0.17
C LYS A 332 -1.06 19.24 -1.06
N ASP A 333 -0.47 20.07 -1.91
CA ASP A 333 0.08 19.56 -3.16
C ASP A 333 1.55 19.87 -3.38
N GLU A 334 2.38 19.27 -2.53
CA GLU A 334 3.82 19.49 -2.53
C GLU A 334 4.50 19.27 -3.88
N GLY A 335 4.02 18.29 -4.65
CA GLY A 335 4.71 17.89 -5.86
C GLY A 335 4.37 18.61 -7.15
N SER A 336 3.14 19.12 -7.26
CA SER A 336 2.64 19.59 -8.56
C SER A 336 3.55 20.60 -9.27
N TYR A 337 4.06 21.57 -8.52
CA TYR A 337 4.97 22.60 -9.01
C TYR A 337 6.12 22.05 -9.85
N PHE A 338 6.67 20.92 -9.42
CA PHE A 338 7.85 20.35 -10.07
C PHE A 338 7.57 19.66 -11.40
N LEU A 339 6.37 19.11 -11.52
CA LEU A 339 6.03 18.34 -12.72
C LEU A 339 6.17 19.16 -14.01
N VAL A 340 5.87 20.45 -13.96
CA VAL A 340 5.89 21.27 -15.17
C VAL A 340 7.30 21.64 -15.59
N TYR A 341 8.27 21.35 -14.73
CA TYR A 341 9.66 21.56 -15.08
C TYR A 341 10.28 20.31 -15.64
N GLY A 342 9.70 19.77 -16.69
CA GLY A 342 10.35 18.71 -17.44
C GLY A 342 9.95 17.29 -17.10
N VAL A 343 8.73 17.10 -16.64
CA VAL A 343 8.13 15.77 -16.72
C VAL A 343 7.28 15.77 -17.97
N PRO A 344 7.61 14.91 -18.93
CA PRO A 344 6.89 15.04 -20.20
C PRO A 344 5.42 14.67 -20.00
N GLY A 345 4.52 15.55 -20.45
CA GLY A 345 3.09 15.35 -20.29
C GLY A 345 2.45 16.48 -19.53
N PHE A 346 3.26 17.20 -18.76
CA PHE A 346 2.78 18.27 -17.87
C PHE A 346 3.03 19.68 -18.37
N SER A 347 2.07 20.55 -18.11
CA SER A 347 2.16 21.97 -18.44
C SER A 347 1.18 22.76 -17.60
N LYS A 348 1.45 24.05 -17.44
CA LYS A 348 0.53 24.93 -16.75
C LYS A 348 -0.62 25.37 -17.65
N ASP A 349 -0.47 25.10 -18.95
CA ASP A 349 -1.45 25.58 -19.94
C ASP A 349 -2.53 24.56 -20.32
N ASN A 350 -2.34 23.31 -19.94
CA ASN A 350 -3.42 22.34 -20.10
C ASN A 350 -3.66 21.57 -18.81
N GLU A 351 -4.53 20.56 -18.87
CA GLU A 351 -4.87 19.79 -17.68
C GLU A 351 -3.80 18.77 -17.33
N SER A 352 -2.78 18.65 -18.18
CA SER A 352 -1.71 17.69 -17.98
C SER A 352 -2.25 16.29 -17.67
N LEU A 353 -3.34 15.92 -18.31
CA LEU A 353 -3.81 14.54 -18.25
C LEU A 353 -2.78 13.66 -18.96
N ILE A 354 -2.20 12.71 -18.24
CA ILE A 354 -1.14 11.92 -18.82
C ILE A 354 -1.51 10.45 -18.98
N SER A 355 -0.72 9.76 -19.77
CA SER A 355 -0.88 8.33 -20.00
C SER A 355 -0.15 7.50 -18.94
N ARG A 356 -0.45 6.21 -18.93
CA ARG A 356 0.22 5.34 -18.02
C ARG A 356 1.72 5.26 -18.34
N ALA A 357 2.06 5.37 -19.62
CA ALA A 357 3.46 5.31 -20.03
C ALA A 357 4.17 6.53 -19.52
N GLN A 358 3.51 7.67 -19.65
CA GLN A 358 4.09 8.90 -19.14
C GLN A 358 4.20 8.86 -17.62
N PHE A 359 3.33 8.09 -16.98
CA PHE A 359 3.40 7.97 -15.53
C PHE A 359 4.64 7.17 -15.13
N LEU A 360 4.85 6.03 -15.77
CA LEU A 360 6.04 5.22 -15.50
C LEU A 360 7.33 5.97 -15.84
N ALA A 361 7.32 6.77 -16.90
CA ALA A 361 8.48 7.58 -17.27
C ALA A 361 8.74 8.65 -16.22
N GLY A 362 7.66 9.28 -15.76
CA GLY A 362 7.74 10.30 -14.74
C GLY A 362 8.29 9.76 -13.44
N VAL A 363 7.97 8.51 -13.10
CA VAL A 363 8.41 7.93 -11.85
C VAL A 363 9.93 7.68 -11.85
N ARG A 364 10.48 7.28 -13.00
CA ARG A 364 11.93 7.12 -13.14
C ARG A 364 12.65 8.44 -12.92
N ILE A 365 11.98 9.54 -13.27
CA ILE A 365 12.58 10.87 -13.19
C ILE A 365 12.46 11.43 -11.76
N GLY A 366 11.32 11.21 -11.14
CA GLY A 366 11.06 11.68 -9.79
C GLY A 366 11.76 10.84 -8.72
N VAL A 367 12.13 9.61 -9.06
CA VAL A 367 12.86 8.79 -8.12
C VAL A 367 14.15 8.33 -8.80
N PRO A 368 15.03 9.27 -9.11
CA PRO A 368 16.19 8.96 -9.95
C PRO A 368 17.11 7.88 -9.38
N GLN A 369 17.16 7.76 -8.06
CA GLN A 369 18.04 6.77 -7.42
C GLN A 369 17.52 5.35 -7.55
N ALA A 370 16.23 5.21 -7.90
CA ALA A 370 15.54 3.93 -7.85
C ALA A 370 15.92 2.91 -8.92
N SER A 371 16.29 1.71 -8.45
CA SER A 371 16.43 0.54 -9.32
C SER A 371 15.13 0.26 -10.08
N ASP A 372 15.16 -0.70 -10.98
CA ASP A 372 13.95 -1.06 -11.71
C ASP A 372 12.88 -1.60 -10.77
N LEU A 373 13.29 -2.43 -9.80
CA LEU A 373 12.33 -3.02 -8.88
C LEU A 373 11.68 -1.95 -7.99
N ALA A 374 12.51 -1.09 -7.42
CA ALA A 374 11.99 0.00 -6.59
C ALA A 374 10.99 0.86 -7.35
N ALA A 375 11.24 1.10 -8.64
CA ALA A 375 10.38 1.98 -9.40
C ALA A 375 9.06 1.28 -9.70
N GLU A 376 9.13 -0.03 -9.85
CA GLU A 376 7.92 -0.82 -10.03
C GLU A 376 7.11 -0.76 -8.73
N ALA A 377 7.77 -0.98 -7.60
CA ALA A 377 7.11 -0.86 -6.30
C ALA A 377 6.36 0.46 -6.19
N VAL A 378 7.04 1.55 -6.53
CA VAL A 378 6.44 2.88 -6.46
C VAL A 378 5.18 2.93 -7.32
N VAL A 379 5.30 2.45 -8.55
CA VAL A 379 4.18 2.47 -9.49
C VAL A 379 3.02 1.58 -9.05
N LEU A 380 3.35 0.44 -8.45
CA LEU A 380 2.33 -0.46 -7.96
C LEU A 380 1.58 0.18 -6.79
N HIS A 381 2.34 0.78 -5.89
CA HIS A 381 1.75 1.43 -4.74
C HIS A 381 0.85 2.59 -5.15
N TYR A 382 1.24 3.30 -6.20
CA TYR A 382 0.53 4.53 -6.54
C TYR A 382 -0.54 4.37 -7.60
N THR A 383 -0.52 3.26 -8.32
CA THR A 383 -1.58 2.96 -9.27
C THR A 383 -2.89 2.74 -8.52
N ASP A 384 -3.95 3.36 -9.03
CA ASP A 384 -5.32 3.11 -8.61
C ASP A 384 -5.85 1.89 -9.41
N TRP A 385 -5.87 0.73 -8.77
CA TRP A 385 -6.08 -0.51 -9.53
C TRP A 385 -7.50 -0.72 -10.04
N LEU A 386 -8.42 0.12 -9.56
CA LEU A 386 -9.75 0.22 -10.13
C LEU A 386 -9.77 0.94 -11.48
N HIS A 387 -8.99 2.02 -11.60
CA HIS A 387 -8.88 2.79 -12.84
C HIS A 387 -7.42 3.03 -13.24
N PRO A 388 -6.64 1.96 -13.44
CA PRO A 388 -5.18 2.05 -13.67
C PRO A 388 -4.76 2.86 -14.90
N GLU A 389 -5.72 3.32 -15.70
CA GLU A 389 -5.43 4.01 -16.95
C GLU A 389 -6.03 5.38 -16.94
N ASP A 390 -6.76 5.69 -15.87
CA ASP A 390 -7.41 6.97 -15.80
C ASP A 390 -6.40 8.13 -15.74
N PRO A 391 -6.41 8.98 -16.77
CA PRO A 391 -5.42 10.05 -16.94
C PRO A 391 -5.45 11.03 -15.79
N THR A 392 -6.57 11.09 -15.09
CA THR A 392 -6.70 12.05 -14.01
C THR A 392 -6.08 11.50 -12.73
N HIS A 393 -6.31 10.22 -12.42
CA HIS A 393 -5.61 9.66 -11.28
CA HIS A 393 -5.63 9.59 -11.30
C HIS A 393 -4.11 9.62 -11.53
N LEU A 394 -3.70 9.33 -12.76
CA LEU A 394 -2.27 9.24 -13.07
C LEU A 394 -1.56 10.58 -12.88
N ARG A 395 -2.17 11.65 -13.40
CA ARG A 395 -1.66 12.97 -13.16
C ARG A 395 -1.49 13.27 -11.66
N ASP A 396 -2.53 13.03 -10.86
CA ASP A 396 -2.44 13.32 -9.43
C ASP A 396 -1.49 12.37 -8.69
N ALA A 397 -1.42 11.12 -9.14
CA ALA A 397 -0.51 10.15 -8.55
C ALA A 397 0.94 10.58 -8.75
N MET A 398 1.23 11.03 -9.96
CA MET A 398 2.53 11.55 -10.30
C MET A 398 2.92 12.70 -9.38
N SER A 399 1.98 13.60 -9.12
CA SER A 399 2.25 14.73 -8.24
C SER A 399 2.48 14.25 -6.81
N ALA A 400 1.72 13.24 -6.39
CA ALA A 400 1.82 12.66 -5.05
C ALA A 400 3.15 11.94 -4.83
N VAL A 401 3.59 11.21 -5.85
CA VAL A 401 4.90 10.56 -5.82
C VAL A 401 6.01 11.56 -5.51
N VAL A 402 6.03 12.66 -6.26
CA VAL A 402 7.04 13.68 -6.06
C VAL A 402 6.93 14.34 -4.70
N GLY A 403 5.70 14.75 -4.35
CA GLY A 403 5.45 15.40 -3.08
C GLY A 403 5.79 14.54 -1.88
N ASP A 404 5.37 13.28 -1.91
CA ASP A 404 5.53 12.37 -0.79
C ASP A 404 6.97 12.00 -0.52
N HIS A 405 7.69 11.70 -1.60
CA HIS A 405 9.08 11.27 -1.54
C HIS A 405 10.02 12.40 -1.08
N ASN A 406 9.73 13.62 -1.52
CA ASN A 406 10.64 14.73 -1.26
C ASN A 406 10.34 15.57 -0.03
N VAL A 407 9.07 15.65 0.35
CA VAL A 407 8.68 16.54 1.44
C VAL A 407 7.88 15.81 2.50
N VAL A 408 6.68 15.39 2.13
CA VAL A 408 5.73 14.84 3.10
C VAL A 408 6.30 13.69 3.92
N CYS A 409 7.00 12.77 3.27
CA CYS A 409 7.49 11.65 4.03
C CYS A 409 8.77 11.97 4.81
N PRO A 410 9.64 12.80 4.24
CA PRO A 410 10.75 13.29 5.08
C PRO A 410 10.23 14.08 6.28
N VAL A 411 9.22 14.90 6.07
CA VAL A 411 8.62 15.66 7.16
C VAL A 411 7.95 14.73 8.20
N ALA A 412 7.19 13.74 7.71
CA ALA A 412 6.57 12.76 8.60
C ALA A 412 7.64 12.09 9.45
N GLN A 413 8.65 11.58 8.77
CA GLN A 413 9.78 10.96 9.42
C GLN A 413 10.43 11.91 10.44
N LEU A 414 10.59 13.17 10.08
CA LEU A 414 11.22 14.13 10.98
C LEU A 414 10.38 14.35 12.25
N ALA A 415 9.09 14.59 12.07
CA ALA A 415 8.21 14.86 13.21
C ALA A 415 8.19 13.68 14.17
N GLY A 416 8.11 12.48 13.61
CA GLY A 416 8.18 11.25 14.38
C GLY A 416 9.42 11.16 15.24
N ARG A 417 10.59 11.14 14.59
CA ARG A 417 11.85 11.01 15.32
C ARG A 417 12.06 12.11 16.38
N LEU A 418 11.70 13.34 16.07
CA LEU A 418 11.88 14.45 17.01
C LEU A 418 10.99 14.27 18.24
N ALA A 419 9.72 13.95 18.02
CA ALA A 419 8.79 13.78 19.12
C ALA A 419 9.25 12.60 20.00
N ALA A 420 9.67 11.54 19.35
CA ALA A 420 10.15 10.36 20.06
C ALA A 420 11.43 10.62 20.85
N GLN A 421 11.96 11.84 20.78
CA GLN A 421 13.25 12.08 21.41
C GLN A 421 13.36 13.41 22.10
N GLY A 422 12.23 13.88 22.62
CA GLY A 422 12.22 15.04 23.48
C GLY A 422 11.35 16.17 23.00
N ALA A 423 11.50 16.51 21.74
CA ALA A 423 10.94 17.74 21.21
C ALA A 423 9.44 17.85 21.39
N ARG A 424 8.97 19.07 21.60
CA ARG A 424 7.56 19.38 21.49
C ARG A 424 7.32 19.74 20.02
N VAL A 425 6.51 18.93 19.33
CA VAL A 425 6.29 19.10 17.91
C VAL A 425 4.85 19.46 17.62
N TYR A 426 4.63 20.45 16.76
CA TYR A 426 3.30 20.77 16.28
C TYR A 426 3.29 20.57 14.79
N ALA A 427 2.20 20.06 14.25
CA ALA A 427 2.20 19.66 12.85
C ALA A 427 0.93 20.12 12.16
N TYR A 428 1.04 20.54 10.92
CA TYR A 428 -0.13 20.98 10.18
C TYR A 428 -0.04 20.55 8.73
N ILE A 429 -1.17 20.59 8.04
CA ILE A 429 -1.16 20.56 6.59
C ILE A 429 -1.91 21.80 6.16
N PHE A 430 -1.34 22.55 5.24
CA PHE A 430 -1.95 23.78 4.76
C PHE A 430 -2.75 23.48 3.51
N GLU A 431 -4.05 23.75 3.53
CA GLU A 431 -4.91 23.28 2.46
C GLU A 431 -5.69 24.35 1.72
N HIS A 432 -5.36 25.61 1.93
CA HIS A 432 -6.12 26.63 1.24
C HIS A 432 -5.43 27.17 -0.01
N ARG A 433 -6.07 26.97 -1.15
CA ARG A 433 -5.61 27.57 -2.39
C ARG A 433 -5.99 29.05 -2.45
N ALA A 434 -4.98 29.91 -2.59
CA ALA A 434 -5.22 31.33 -2.66
C ALA A 434 -6.13 31.64 -3.84
N SER A 435 -7.17 32.43 -3.57
CA SER A 435 -8.10 32.86 -4.60
C SER A 435 -7.34 33.55 -5.73
N THR A 436 -6.22 34.17 -5.37
CA THR A 436 -5.40 34.96 -6.29
C THR A 436 -4.37 34.13 -7.06
N LEU A 437 -4.43 32.81 -6.95
CA LEU A 437 -3.39 31.95 -7.54
C LEU A 437 -3.39 31.93 -9.07
N THR A 438 -2.22 32.10 -9.68
CA THR A 438 -2.14 32.09 -11.15
C THR A 438 -1.87 30.72 -11.77
N TRP A 439 -1.57 29.73 -10.93
CA TRP A 439 -1.38 28.38 -11.41
C TRP A 439 -2.74 27.70 -11.63
N PRO A 440 -2.78 26.70 -12.52
CA PRO A 440 -3.99 25.94 -12.85
C PRO A 440 -4.57 25.27 -11.63
N LEU A 441 -5.86 24.98 -11.65
CA LEU A 441 -6.50 24.28 -10.54
C LEU A 441 -5.93 22.90 -10.33
N TRP A 442 -5.44 22.27 -11.40
CA TRP A 442 -4.97 20.90 -11.28
C TRP A 442 -3.80 20.81 -10.31
N MET A 443 -3.09 21.93 -10.14
CA MET A 443 -1.94 21.97 -9.25
C MET A 443 -2.32 22.09 -7.78
N GLY A 444 -3.59 22.40 -7.52
CA GLY A 444 -4.10 22.46 -6.16
C GLY A 444 -3.42 23.54 -5.34
N VAL A 445 -2.97 23.17 -4.15
CA VAL A 445 -2.19 24.07 -3.29
C VAL A 445 -0.69 23.75 -3.44
N PRO A 446 -0.01 24.46 -4.32
CA PRO A 446 1.37 24.09 -4.66
C PRO A 446 2.41 24.50 -3.62
N HIS A 447 3.54 23.83 -3.72
CA HIS A 447 4.73 24.13 -2.94
C HIS A 447 5.07 25.62 -2.94
N GLY A 448 5.05 26.22 -1.76
CA GLY A 448 5.41 27.61 -1.62
C GLY A 448 4.24 28.57 -1.42
N TYR A 449 3.01 28.07 -1.51
CA TYR A 449 1.88 28.99 -1.54
C TYR A 449 1.12 29.15 -0.23
N GLU A 450 1.77 28.78 0.87
CA GLU A 450 1.30 29.15 2.20
C GLU A 450 2.01 30.42 2.64
N ILE A 451 3.22 30.63 2.13
CA ILE A 451 4.05 31.74 2.57
C ILE A 451 3.33 33.10 2.60
N GLU A 452 2.61 33.42 1.53
CA GLU A 452 1.93 34.71 1.43
C GLU A 452 0.93 34.94 2.57
N PHE A 453 0.39 33.86 3.12
CA PHE A 453 -0.55 33.98 4.22
C PHE A 453 0.12 34.19 5.57
N ILE A 454 1.18 33.44 5.81
CA ILE A 454 1.97 33.56 7.03
C ILE A 454 2.52 34.97 7.19
N PHE A 455 3.02 35.55 6.11
CA PHE A 455 3.59 36.89 6.15
C PHE A 455 2.51 37.99 6.15
N GLY A 456 1.26 37.58 5.94
CA GLY A 456 0.13 38.50 6.05
C GLY A 456 -0.14 39.37 4.83
N LEU A 457 0.26 38.91 3.66
CA LEU A 457 0.03 39.70 2.45
C LEU A 457 -1.45 39.99 2.18
N PRO A 458 -2.34 39.05 2.48
CA PRO A 458 -3.75 39.34 2.19
C PRO A 458 -4.28 40.60 2.90
N LEU A 459 -3.54 41.14 3.87
CA LEU A 459 -3.96 42.33 4.61
C LEU A 459 -3.75 43.62 3.82
N ASP A 460 -2.98 43.54 2.74
CA ASP A 460 -2.78 44.70 1.89
C ASP A 460 -3.96 44.84 0.94
N PRO A 461 -4.77 45.86 1.15
CA PRO A 461 -6.03 46.06 0.44
C PRO A 461 -5.85 45.98 -1.08
N SER A 462 -4.77 46.56 -1.59
CA SER A 462 -4.55 46.60 -3.03
C SER A 462 -4.28 45.23 -3.63
N LEU A 463 -4.41 44.17 -2.85
CA LEU A 463 -3.98 42.86 -3.31
C LEU A 463 -5.08 41.97 -3.87
N ASN A 464 -6.32 42.22 -3.49
CA ASN A 464 -7.48 41.54 -4.07
C ASN A 464 -7.76 40.17 -3.45
N TYR A 465 -7.18 39.89 -2.29
CA TYR A 465 -7.57 38.68 -1.56
C TYR A 465 -9.01 38.84 -1.06
N THR A 466 -9.70 37.75 -0.77
CA THR A 466 -11.05 37.82 -0.20
C THR A 466 -10.97 38.19 1.27
N THR A 467 -12.10 38.63 1.83
CA THR A 467 -12.15 39.04 3.22
C THR A 467 -11.88 37.87 4.18
N GLU A 468 -12.37 36.70 3.81
CA GLU A 468 -12.16 35.51 4.61
C GLU A 468 -10.68 35.16 4.62
N GLU A 469 -10.02 35.38 3.48
CA GLU A 469 -8.58 35.16 3.38
C GLU A 469 -7.81 36.13 4.27
N ARG A 470 -8.24 37.39 4.25
CA ARG A 470 -7.70 38.41 5.14
C ARG A 470 -7.76 37.95 6.61
N ILE A 471 -8.81 37.23 6.98
CA ILE A 471 -9.01 36.79 8.36
C ILE A 471 -8.24 35.52 8.65
N PHE A 472 -8.22 34.64 7.67
CA PHE A 472 -7.38 33.44 7.69
C PHE A 472 -5.91 33.81 7.90
N ALA A 473 -5.45 34.85 7.20
CA ALA A 473 -4.06 35.29 7.30
C ALA A 473 -3.76 35.70 8.72
N GLN A 474 -4.71 36.36 9.37
CA GLN A 474 -4.52 36.82 10.73
C GLN A 474 -4.43 35.63 11.68
N ARG A 475 -5.23 34.61 11.45
CA ARG A 475 -5.13 33.42 12.27
C ARG A 475 -3.74 32.83 12.20
N LEU A 476 -3.26 32.71 10.97
CA LEU A 476 -1.95 32.11 10.73
C LEU A 476 -0.86 32.91 11.41
N MET A 477 -0.82 34.22 11.13
CA MET A 477 0.16 35.09 11.77
C MET A 477 0.09 34.96 13.27
N LYS A 478 -1.11 34.69 13.78
CA LYS A 478 -1.31 34.48 15.20
C LYS A 478 -0.67 33.18 15.68
N TYR A 479 -0.94 32.07 15.00
CA TYR A 479 -0.34 30.79 15.41
C TYR A 479 1.18 30.87 15.40
N TRP A 480 1.69 31.43 14.30
CA TRP A 480 3.12 31.53 14.10
C TRP A 480 3.79 32.39 15.16
N THR A 481 3.24 33.59 15.40
CA THR A 481 3.80 34.46 16.43
C THR A 481 3.57 33.92 17.85
N ASN A 482 2.44 33.27 18.09
CA ASN A 482 2.23 32.63 19.39
C ASN A 482 3.29 31.59 19.65
N PHE A 483 3.64 30.83 18.63
CA PHE A 483 4.67 29.80 18.77
C PHE A 483 6.04 30.44 19.02
N ALA A 484 6.29 31.57 18.38
CA ALA A 484 7.57 32.25 18.55
C ALA A 484 7.66 32.70 19.99
N ARG A 485 6.59 33.34 20.47
CA ARG A 485 6.55 33.87 21.82
C ARG A 485 6.65 32.79 22.90
N THR A 486 5.97 31.66 22.70
CA THR A 486 5.76 30.73 23.81
C THR A 486 6.20 29.29 23.55
N GLY A 487 6.39 28.94 22.28
CA GLY A 487 6.67 27.57 21.93
C GLY A 487 5.36 26.83 21.79
N ASP A 488 4.28 27.59 21.66
CA ASP A 488 2.94 27.02 21.53
C ASP A 488 2.04 27.91 20.69
N PRO A 489 1.54 27.37 19.56
CA PRO A 489 0.79 28.15 18.57
C PRO A 489 -0.55 28.65 19.12
N ASN A 490 -1.06 27.96 20.14
CA ASN A 490 -2.38 28.26 20.70
C ASN A 490 -2.44 29.59 21.45
N ASP A 491 -3.52 30.32 21.22
CA ASP A 491 -3.79 31.54 21.97
C ASP A 491 -4.11 31.14 23.40
N PRO A 492 -3.35 31.67 24.37
CA PRO A 492 -3.60 31.40 25.79
C PRO A 492 -4.96 31.94 26.23
N ARG A 493 -5.39 33.05 25.62
CA ARG A 493 -6.69 33.64 25.90
C ARG A 493 -7.79 32.80 25.26
N ASP A 494 -7.70 32.64 23.95
CA ASP A 494 -8.70 31.91 23.18
C ASP A 494 -8.71 30.40 23.49
N SER A 495 -9.70 29.99 24.29
CA SER A 495 -9.95 28.58 24.54
C SER A 495 -11.27 28.14 23.92
N LYS A 496 -12.07 29.12 23.50
CA LYS A 496 -13.27 28.88 22.71
C LYS A 496 -12.89 28.23 21.38
N SER A 497 -11.91 28.82 20.71
CA SER A 497 -11.33 28.24 19.51
C SER A 497 -10.74 26.87 19.84
N PRO A 498 -10.86 25.93 18.90
CA PRO A 498 -10.37 24.56 19.06
C PRO A 498 -8.85 24.55 19.25
N GLN A 499 -8.34 23.62 20.03
CA GLN A 499 -6.91 23.58 20.36
C GLN A 499 -6.08 22.78 19.36
N TRP A 500 -4.82 23.16 19.22
CA TRP A 500 -3.87 22.48 18.34
C TRP A 500 -2.98 21.63 19.23
N PRO A 501 -3.17 20.31 19.19
CA PRO A 501 -2.41 19.42 20.08
C PRO A 501 -1.02 19.14 19.53
N PRO A 502 -0.04 18.92 20.41
CA PRO A 502 1.29 18.48 19.95
C PRO A 502 1.15 17.22 19.11
N TYR A 503 2.17 16.93 18.31
CA TYR A 503 2.21 15.70 17.54
C TYR A 503 3.05 14.69 18.34
N THR A 504 2.59 13.44 18.36
CA THR A 504 3.20 12.40 19.17
C THR A 504 3.28 11.11 18.38
N THR A 505 4.26 10.27 18.67
CA THR A 505 4.30 8.95 18.06
C THR A 505 3.00 8.17 18.34
N ALA A 506 2.50 8.31 19.56
CA ALA A 506 1.28 7.61 19.97
C ALA A 506 0.08 8.00 19.11
N ALA A 507 -0.28 9.28 19.16
CA ALA A 507 -1.50 9.74 18.51
C ALA A 507 -1.29 10.30 17.10
N GLN A 508 -0.08 10.78 16.81
CA GLN A 508 0.27 11.31 15.48
C GLN A 508 -0.70 12.37 15.00
N GLN A 509 -1.03 13.30 15.88
CA GLN A 509 -2.04 14.32 15.56
C GLN A 509 -1.42 15.56 14.92
N TYR A 510 -2.19 16.13 13.98
CA TYR A 510 -1.81 17.35 13.29
C TYR A 510 -3.09 18.08 12.89
N VAL A 511 -3.01 19.38 12.65
CA VAL A 511 -4.20 20.15 12.31
C VAL A 511 -4.24 20.46 10.82
N SER A 512 -5.43 20.72 10.32
CA SER A 512 -5.56 21.22 8.96
C SER A 512 -5.65 22.73 9.03
N LEU A 513 -5.05 23.41 8.06
CA LEU A 513 -5.14 24.85 7.99
C LEU A 513 -5.88 25.30 6.72
N ASN A 514 -7.14 25.67 6.89
CA ASN A 514 -7.98 26.18 5.79
C ASN A 514 -8.91 27.25 6.32
N LEU A 515 -9.89 27.64 5.52
CA LEU A 515 -10.80 28.72 5.92
C LEU A 515 -11.67 28.30 7.11
N LYS A 516 -11.95 27.00 7.21
CA LYS A 516 -12.65 26.48 8.38
C LYS A 516 -11.76 26.49 9.61
N PRO A 517 -12.36 26.37 10.79
CA PRO A 517 -11.65 26.23 12.07
C PRO A 517 -10.73 25.02 12.11
N LEU A 518 -9.70 25.11 12.96
CA LEU A 518 -8.76 24.02 13.18
C LEU A 518 -9.47 22.69 13.28
N GLU A 519 -9.03 21.74 12.49
CA GLU A 519 -9.54 20.39 12.57
C GLU A 519 -8.39 19.41 12.79
N VAL A 520 -8.44 18.65 13.87
CA VAL A 520 -7.36 17.72 14.19
C VAL A 520 -7.53 16.41 13.44
N ARG A 521 -6.47 16.01 12.73
CA ARG A 521 -6.47 14.74 12.03
C ARG A 521 -5.41 13.85 12.62
N ARG A 522 -5.43 12.58 12.25
CA ARG A 522 -4.51 11.61 12.86
C ARG A 522 -3.75 10.84 11.79
N GLY A 523 -2.44 10.73 11.97
CA GLY A 523 -1.60 10.02 11.01
C GLY A 523 -1.29 10.85 9.78
N LEU A 524 -0.03 11.19 9.64
CA LEU A 524 0.42 11.99 8.53
C LEU A 524 0.84 11.08 7.37
N ARG A 525 -0.08 10.85 6.44
CA ARG A 525 0.11 9.84 5.39
C ARG A 525 0.74 8.57 5.93
N ALA A 526 0.22 8.03 7.01
CA ALA A 526 0.91 6.91 7.67
C ALA A 526 1.25 5.72 6.76
N GLN A 527 0.27 5.12 6.08
CA GLN A 527 0.53 3.91 5.30
C GLN A 527 1.57 4.17 4.24
N THR A 528 1.34 5.19 3.43
CA THR A 528 2.27 5.55 2.37
C THR A 528 3.68 5.90 2.90
N CYS A 529 3.73 6.62 4.02
CA CYS A 529 5.05 6.99 4.54
C CYS A 529 5.83 5.78 5.06
N ALA A 530 5.10 4.73 5.41
CA ALA A 530 5.75 3.48 5.76
C ALA A 530 6.46 2.92 4.53
N PHE A 531 5.82 3.06 3.37
CA PHE A 531 6.41 2.63 2.13
C PHE A 531 7.75 3.33 1.90
N TRP A 532 7.71 4.66 1.91
CA TRP A 532 8.89 5.45 1.62
C TRP A 532 9.95 5.35 2.71
N ASN A 533 9.53 5.41 3.96
CA ASN A 533 10.49 5.50 5.05
C ASN A 533 10.96 4.18 5.64
N ARG A 534 10.21 3.10 5.42
CA ARG A 534 10.54 1.84 6.05
C ARG A 534 10.89 0.79 5.05
N PHE A 535 10.09 0.70 4.00
CA PHE A 535 10.27 -0.35 3.04
C PHE A 535 11.32 0.00 1.98
N LEU A 536 11.11 1.09 1.27
CA LEU A 536 12.03 1.50 0.20
C LEU A 536 13.53 1.46 0.52
N PRO A 537 13.94 2.02 1.67
CA PRO A 537 15.37 2.01 2.00
C PRO A 537 15.90 0.58 2.02
N LYS A 538 15.13 -0.35 2.57
CA LYS A 538 15.52 -1.76 2.62
C LYS A 538 15.52 -2.38 1.22
N LEU A 539 14.62 -1.92 0.38
CA LEU A 539 14.49 -2.48 -0.96
C LEU A 539 15.74 -2.21 -1.77
N LEU A 540 16.11 -0.94 -1.92
CA LEU A 540 17.24 -0.61 -2.78
C LEU A 540 18.63 -0.89 -2.16
N SER A 541 18.63 -1.48 -0.96
CA SER A 541 19.79 -2.22 -0.48
C SER A 541 19.71 -3.62 -1.10
N ALA A 542 19.72 -3.66 -2.43
CA ALA A 542 19.55 -4.89 -3.19
C ALA A 542 19.58 -4.57 -4.67
N GLU B 4 -42.44 -52.58 -3.49
CA GLU B 4 -41.36 -52.13 -4.37
C GLU B 4 -41.71 -50.86 -5.16
N ASP B 5 -41.35 -49.71 -4.59
CA ASP B 5 -41.60 -48.41 -5.20
C ASP B 5 -40.79 -48.21 -6.49
N PRO B 6 -41.47 -48.07 -7.63
CA PRO B 6 -40.81 -48.01 -8.94
C PRO B 6 -39.99 -46.74 -9.11
N GLN B 7 -40.37 -45.70 -8.40
CA GLN B 7 -39.65 -44.43 -8.46
C GLN B 7 -38.24 -44.61 -7.96
N LEU B 8 -38.06 -45.55 -7.04
CA LEU B 8 -36.76 -45.79 -6.42
C LEU B 8 -36.04 -46.95 -7.08
N LEU B 9 -36.37 -47.19 -8.33
CA LEU B 9 -35.70 -48.21 -9.13
C LEU B 9 -35.15 -47.62 -10.41
N VAL B 10 -33.87 -47.84 -10.66
CA VAL B 10 -33.23 -47.29 -11.85
C VAL B 10 -32.28 -48.29 -12.50
N ARG B 11 -32.17 -48.21 -13.82
CA ARG B 11 -31.24 -49.05 -14.55
C ARG B 11 -30.14 -48.21 -15.20
N VAL B 12 -28.94 -48.37 -14.69
CA VAL B 12 -27.78 -47.73 -15.28
C VAL B 12 -27.03 -48.79 -16.06
N ARG B 13 -25.93 -48.41 -16.71
CA ARG B 13 -25.21 -49.33 -17.58
C ARG B 13 -24.62 -50.54 -16.86
N GLY B 14 -24.44 -50.44 -15.55
CA GLY B 14 -23.80 -51.51 -14.82
C GLY B 14 -24.78 -52.50 -14.24
N GLY B 15 -26.07 -52.19 -14.36
CA GLY B 15 -27.09 -53.01 -13.76
C GLY B 15 -28.15 -52.17 -13.09
N GLN B 16 -28.85 -52.75 -12.13
CA GLN B 16 -29.98 -52.09 -11.49
C GLN B 16 -29.69 -51.56 -10.10
N LEU B 17 -30.35 -50.46 -9.76
CA LEU B 17 -30.13 -49.79 -8.49
C LEU B 17 -31.48 -49.56 -7.87
N ARG B 18 -31.52 -49.66 -6.55
CA ARG B 18 -32.68 -49.23 -5.82
C ARG B 18 -32.27 -48.14 -4.86
N GLY B 19 -32.82 -46.96 -5.06
CA GLY B 19 -32.58 -45.86 -4.14
C GLY B 19 -33.57 -45.91 -3.01
N ILE B 20 -33.74 -44.78 -2.34
CA ILE B 20 -34.58 -44.74 -1.18
C ILE B 20 -35.23 -43.38 -1.10
N ARG B 21 -36.53 -43.35 -0.81
CA ARG B 21 -37.25 -42.10 -0.69
C ARG B 21 -36.92 -41.43 0.63
N LEU B 22 -36.56 -40.14 0.55
CA LEU B 22 -36.13 -39.39 1.70
C LEU B 22 -37.09 -38.27 1.98
N LYS B 23 -37.10 -37.83 3.23
CA LYS B 23 -37.99 -36.77 3.63
C LYS B 23 -37.26 -35.44 3.57
N ALA B 24 -37.80 -34.51 2.79
CA ALA B 24 -37.36 -33.12 2.82
C ALA B 24 -38.50 -32.31 3.42
N PRO B 25 -38.17 -31.25 4.19
CA PRO B 25 -39.18 -30.47 4.89
C PRO B 25 -40.46 -30.22 4.09
N GLY B 26 -40.33 -29.99 2.78
CA GLY B 26 -41.49 -29.72 1.96
C GLY B 26 -41.90 -30.82 0.98
N GLY B 27 -41.44 -32.05 1.20
CA GLY B 27 -41.74 -33.12 0.28
C GLY B 27 -40.72 -34.25 0.33
N PRO B 28 -40.97 -35.32 -0.43
CA PRO B 28 -40.01 -36.41 -0.51
C PRO B 28 -39.04 -36.22 -1.68
N VAL B 29 -37.87 -36.82 -1.58
CA VAL B 29 -36.91 -36.81 -2.68
C VAL B 29 -36.43 -38.23 -2.90
N SER B 30 -36.07 -38.58 -4.13
CA SER B 30 -35.41 -39.85 -4.41
C SER B 30 -33.90 -39.73 -4.18
N ALA B 31 -33.32 -40.66 -3.42
CA ALA B 31 -31.88 -40.65 -3.20
C ALA B 31 -31.26 -41.98 -3.60
N PHE B 32 -30.19 -41.92 -4.37
CA PHE B 32 -29.44 -43.09 -4.74
C PHE B 32 -28.00 -42.95 -4.26
N LEU B 33 -27.75 -43.49 -3.06
CA LEU B 33 -26.46 -43.36 -2.37
C LEU B 33 -25.53 -44.57 -2.47
N GLY B 34 -24.24 -44.32 -2.62
CA GLY B 34 -23.23 -45.35 -2.65
C GLY B 34 -23.13 -46.11 -3.96
N ILE B 35 -23.35 -45.44 -5.09
CA ILE B 35 -23.22 -46.07 -6.40
C ILE B 35 -21.77 -46.18 -6.80
N PRO B 36 -21.31 -47.39 -7.15
CA PRO B 36 -19.91 -47.59 -7.57
C PRO B 36 -19.72 -47.04 -8.96
N PHE B 37 -18.69 -46.22 -9.17
CA PHE B 37 -18.41 -45.74 -10.51
C PHE B 37 -17.05 -46.21 -10.99
N ALA B 38 -16.35 -46.93 -10.14
CA ALA B 38 -15.05 -47.44 -10.52
C ALA B 38 -14.75 -48.72 -9.76
N GLU B 39 -13.95 -49.58 -10.37
CA GLU B 39 -13.34 -50.71 -9.68
C GLU B 39 -12.59 -50.18 -8.47
N PRO B 40 -12.84 -50.78 -7.28
CA PRO B 40 -12.14 -50.38 -6.05
C PRO B 40 -10.63 -50.25 -6.23
N PRO B 41 -10.06 -49.10 -5.85
CA PRO B 41 -8.65 -48.76 -6.11
C PRO B 41 -7.76 -49.36 -5.03
N VAL B 42 -7.85 -50.67 -4.83
CA VAL B 42 -7.18 -51.32 -3.72
C VAL B 42 -6.08 -52.27 -4.16
N GLY B 43 -5.20 -52.58 -3.21
CA GLY B 43 -4.08 -53.46 -3.46
C GLY B 43 -3.09 -52.87 -4.44
N SER B 44 -3.08 -53.42 -5.65
CA SER B 44 -2.14 -53.02 -6.68
C SER B 44 -2.70 -51.89 -7.51
N ARG B 45 -3.96 -51.56 -7.24
CA ARG B 45 -4.61 -50.46 -7.91
C ARG B 45 -4.32 -49.17 -7.14
N ARG B 46 -3.79 -49.29 -5.93
CA ARG B 46 -3.41 -48.12 -5.16
C ARG B 46 -2.39 -47.25 -5.89
N PHE B 47 -2.63 -45.93 -5.91
CA PHE B 47 -1.81 -44.97 -6.67
C PHE B 47 -2.08 -45.01 -8.18
N MET B 48 -2.98 -45.88 -8.60
CA MET B 48 -3.23 -46.06 -10.03
C MET B 48 -4.46 -45.29 -10.49
N PRO B 49 -4.47 -44.88 -11.76
CA PRO B 49 -5.67 -44.32 -12.38
C PRO B 49 -6.83 -45.31 -12.26
N PRO B 50 -8.05 -44.81 -12.04
CA PRO B 50 -9.24 -45.64 -11.80
C PRO B 50 -9.68 -46.39 -13.06
N GLU B 51 -10.28 -47.57 -12.91
CA GLU B 51 -10.95 -48.24 -14.03
C GLU B 51 -12.46 -48.22 -13.80
N PRO B 52 -13.24 -48.17 -14.89
CA PRO B 52 -14.70 -48.19 -14.75
C PRO B 52 -15.22 -49.44 -14.03
N LYS B 53 -16.18 -49.26 -13.13
CA LYS B 53 -16.80 -50.36 -12.39
C LYS B 53 -17.34 -51.41 -13.35
N ARG B 54 -17.13 -52.68 -13.01
CA ARG B 54 -17.71 -53.76 -13.79
C ARG B 54 -19.20 -53.91 -13.52
N PRO B 55 -19.95 -54.36 -14.53
CA PRO B 55 -21.35 -54.75 -14.44
C PRO B 55 -21.63 -55.61 -13.22
N TRP B 56 -22.86 -55.56 -12.73
CA TRP B 56 -23.23 -56.35 -11.56
C TRP B 56 -24.62 -56.96 -11.76
N SER B 57 -24.81 -58.13 -11.17
CA SER B 57 -26.05 -58.87 -11.32
C SER B 57 -27.09 -58.36 -10.34
N GLY B 58 -28.36 -58.49 -10.69
CA GLY B 58 -29.43 -58.18 -9.77
C GLY B 58 -29.63 -56.70 -9.48
N VAL B 59 -30.14 -56.41 -8.28
CA VAL B 59 -30.42 -55.04 -7.89
C VAL B 59 -29.48 -54.58 -6.81
N LEU B 60 -28.59 -53.66 -7.17
CA LEU B 60 -27.65 -53.08 -6.22
C LEU B 60 -28.38 -52.14 -5.29
N ASP B 61 -28.28 -52.43 -4.01
CA ASP B 61 -28.91 -51.61 -3.00
C ASP B 61 -28.17 -50.29 -2.89
N ALA B 62 -28.82 -49.20 -3.26
CA ALA B 62 -28.20 -47.88 -3.29
C ALA B 62 -28.89 -46.92 -2.33
N THR B 63 -28.95 -47.29 -1.07
CA THR B 63 -29.78 -46.56 -0.13
C THR B 63 -29.00 -46.00 1.05
N THR B 64 -27.70 -46.24 1.08
CA THR B 64 -26.90 -45.69 2.15
C THR B 64 -25.54 -45.17 1.67
N PHE B 65 -24.98 -44.23 2.42
CA PHE B 65 -23.66 -43.71 2.09
C PHE B 65 -22.62 -44.81 2.23
N GLN B 66 -21.67 -44.80 1.31
CA GLN B 66 -20.57 -45.76 1.33
C GLN B 66 -19.41 -45.26 2.18
N ASN B 67 -18.29 -45.99 2.14
CA ASN B 67 -17.10 -45.61 2.89
C ASN B 67 -16.45 -44.31 2.44
N VAL B 68 -15.97 -43.54 3.43
CA VAL B 68 -15.14 -42.38 3.20
C VAL B 68 -13.73 -42.80 2.78
N CYS B 69 -13.21 -42.15 1.75
CA CYS B 69 -11.85 -42.41 1.30
C CYS B 69 -10.83 -42.29 2.43
N TYR B 70 -9.88 -43.22 2.48
CA TYR B 70 -8.89 -43.21 3.54
C TYR B 70 -8.11 -41.90 3.60
N GLN B 71 -8.15 -41.28 4.76
CA GLN B 71 -7.63 -39.95 4.92
C GLN B 71 -7.30 -39.69 6.38
N TYR B 72 -6.43 -38.70 6.60
CA TYR B 72 -6.15 -38.20 7.94
C TYR B 72 -7.42 -37.78 8.68
N VAL B 73 -7.44 -37.97 9.99
CA VAL B 73 -8.58 -37.55 10.81
C VAL B 73 -8.18 -36.53 11.86
N ASP B 74 -9.00 -35.47 11.99
CA ASP B 74 -8.62 -34.30 12.77
C ASP B 74 -8.73 -34.52 14.28
N THR B 75 -7.78 -33.95 15.01
CA THR B 75 -7.73 -34.16 16.45
C THR B 75 -7.62 -32.84 17.20
N LEU B 76 -7.53 -31.73 16.47
CA LEU B 76 -7.24 -30.46 17.11
C LEU B 76 -8.19 -30.16 18.26
N TYR B 77 -9.48 -30.40 18.04
CA TYR B 77 -10.50 -30.08 19.02
C TYR B 77 -11.49 -31.22 19.14
N PRO B 78 -11.01 -32.37 19.65
CA PRO B 78 -11.82 -33.61 19.62
C PRO B 78 -13.18 -33.37 20.26
N GLY B 79 -14.25 -33.81 19.60
CA GLY B 79 -15.58 -33.59 20.12
C GLY B 79 -16.23 -32.27 19.73
N PHE B 80 -15.41 -31.28 19.39
CA PHE B 80 -15.90 -29.96 18.97
C PHE B 80 -16.65 -30.03 17.64
N GLU B 81 -17.91 -29.59 17.63
CA GLU B 81 -18.70 -29.67 16.40
C GLU B 81 -18.04 -28.94 15.23
N GLY B 82 -17.46 -27.77 15.50
CA GLY B 82 -16.86 -26.95 14.46
C GLY B 82 -15.80 -27.66 13.63
N THR B 83 -15.21 -28.73 14.15
CA THR B 83 -14.21 -29.49 13.42
C THR B 83 -14.72 -30.87 13.03
N GLU B 84 -15.56 -31.44 13.89
CA GLU B 84 -16.06 -32.80 13.68
C GLU B 84 -16.98 -32.83 12.47
N MET B 85 -17.62 -31.71 12.21
CA MET B 85 -18.54 -31.58 11.08
C MET B 85 -17.82 -31.80 9.76
N TRP B 86 -16.49 -31.67 9.79
CA TRP B 86 -15.66 -31.90 8.62
C TRP B 86 -15.06 -33.29 8.59
N ASN B 87 -15.07 -33.97 9.75
CA ASN B 87 -14.47 -35.31 9.88
C ASN B 87 -15.29 -36.42 9.19
N PRO B 88 -14.64 -37.55 8.87
CA PRO B 88 -15.39 -38.64 8.23
C PRO B 88 -16.56 -39.09 9.10
N ASN B 89 -17.74 -39.18 8.51
CA ASN B 89 -18.92 -39.60 9.24
C ASN B 89 -19.34 -41.01 8.81
N ARG B 90 -18.41 -41.73 8.16
CA ARG B 90 -18.55 -43.14 7.84
C ARG B 90 -17.21 -43.83 8.05
N GLU B 91 -17.16 -45.12 7.78
CA GLU B 91 -15.92 -45.89 7.96
C GLU B 91 -14.92 -45.55 6.88
N LEU B 92 -13.65 -45.41 7.27
CA LEU B 92 -12.60 -45.16 6.29
C LEU B 92 -12.27 -46.44 5.52
N SER B 93 -12.04 -46.31 4.22
CA SER B 93 -11.63 -47.44 3.40
C SER B 93 -10.95 -46.93 2.11
N GLU B 94 -10.03 -47.70 1.55
CA GLU B 94 -9.50 -47.37 0.23
C GLU B 94 -10.51 -47.72 -0.84
N ASP B 95 -11.48 -48.54 -0.46
CA ASP B 95 -12.56 -48.90 -1.35
C ASP B 95 -13.63 -47.84 -1.14
N CYS B 96 -13.53 -46.72 -1.88
CA CYS B 96 -14.35 -45.54 -1.60
C CYS B 96 -14.91 -44.85 -2.84
N LEU B 97 -14.69 -45.41 -4.02
CA LEU B 97 -15.08 -44.75 -5.26
C LEU B 97 -16.57 -44.92 -5.58
N TYR B 98 -17.38 -44.11 -4.89
CA TYR B 98 -18.82 -44.15 -5.02
C TYR B 98 -19.39 -42.73 -5.13
N LEU B 99 -20.44 -42.59 -5.93
CA LEU B 99 -21.15 -41.34 -5.99
C LEU B 99 -22.60 -41.46 -5.47
N ASN B 100 -23.20 -40.30 -5.20
CA ASN B 100 -24.55 -40.20 -4.70
C ASN B 100 -25.37 -39.31 -5.61
N VAL B 101 -26.63 -39.66 -5.80
CA VAL B 101 -27.52 -38.87 -6.64
C VAL B 101 -28.82 -38.56 -5.90
N TRP B 102 -29.21 -37.29 -5.83
CA TRP B 102 -30.53 -36.94 -5.34
C TRP B 102 -31.37 -36.39 -6.50
N THR B 103 -32.61 -36.83 -6.62
CA THR B 103 -33.51 -36.24 -7.61
C THR B 103 -34.79 -35.82 -6.92
N PRO B 104 -35.66 -35.10 -7.64
CA PRO B 104 -37.00 -34.86 -7.12
C PRO B 104 -37.77 -36.18 -7.07
N TYR B 105 -38.78 -36.24 -6.21
CA TYR B 105 -39.65 -37.40 -6.12
C TYR B 105 -41.07 -36.91 -6.27
N PRO B 106 -41.73 -37.30 -7.36
CA PRO B 106 -41.23 -38.31 -8.30
C PRO B 106 -40.14 -37.78 -9.22
N ARG B 107 -39.54 -38.67 -10.00
CA ARG B 107 -38.50 -38.34 -10.95
C ARG B 107 -38.95 -37.25 -11.92
N PRO B 108 -38.04 -36.33 -12.26
CA PRO B 108 -38.30 -35.27 -13.25
C PRO B 108 -38.85 -35.80 -14.56
N ALA B 109 -39.90 -35.15 -15.07
CA ALA B 109 -40.52 -35.53 -16.33
C ALA B 109 -39.65 -35.17 -17.53
N SER B 110 -39.10 -33.96 -17.53
CA SER B 110 -38.14 -33.59 -18.57
C SER B 110 -36.72 -33.54 -17.98
N PRO B 111 -35.70 -33.59 -18.85
CA PRO B 111 -34.29 -33.51 -18.46
C PRO B 111 -33.97 -32.28 -17.60
N THR B 112 -33.61 -32.53 -16.34
CA THR B 112 -33.31 -31.49 -15.38
C THR B 112 -31.82 -31.19 -15.33
N PRO B 113 -31.46 -29.91 -15.23
CA PRO B 113 -30.05 -29.52 -15.07
C PRO B 113 -29.39 -30.29 -13.96
N VAL B 114 -28.14 -30.70 -14.18
CA VAL B 114 -27.41 -31.45 -13.17
C VAL B 114 -26.37 -30.59 -12.50
N LEU B 115 -26.34 -30.62 -11.18
CA LEU B 115 -25.28 -30.01 -10.41
C LEU B 115 -24.39 -31.13 -9.86
N ILE B 116 -23.09 -30.95 -9.96
CA ILE B 116 -22.16 -31.92 -9.40
C ILE B 116 -21.27 -31.28 -8.35
N TRP B 117 -21.36 -31.75 -7.12
CA TRP B 117 -20.56 -31.22 -6.03
C TRP B 117 -19.24 -31.96 -5.86
N ILE B 118 -18.18 -31.18 -5.67
CA ILE B 118 -16.86 -31.72 -5.39
C ILE B 118 -16.37 -31.14 -4.07
N TYR B 119 -16.26 -31.97 -3.05
CA TYR B 119 -15.90 -31.48 -1.72
C TYR B 119 -14.44 -31.03 -1.66
N GLY B 120 -14.13 -30.24 -0.64
CA GLY B 120 -12.77 -29.81 -0.38
C GLY B 120 -12.23 -30.43 0.89
N GLY B 121 -11.05 -30.00 1.31
CA GLY B 121 -10.38 -30.59 2.45
C GLY B 121 -8.89 -30.67 2.22
N GLY B 122 -8.35 -29.67 1.53
CA GLY B 122 -6.92 -29.57 1.31
C GLY B 122 -6.33 -30.71 0.49
N PHE B 123 -7.20 -31.50 -0.15
CA PHE B 123 -6.75 -32.61 -0.96
C PHE B 123 -6.27 -33.79 -0.09
N TYR B 124 -6.47 -33.70 1.21
CA TYR B 124 -6.00 -34.75 2.13
C TYR B 124 -7.17 -35.33 2.95
N SER B 125 -8.36 -34.75 2.76
CA SER B 125 -9.53 -35.13 3.54
C SER B 125 -10.79 -34.76 2.79
N GLY B 126 -11.94 -35.03 3.40
CA GLY B 126 -13.25 -34.79 2.79
C GLY B 126 -14.04 -36.04 2.45
N ALA B 127 -15.36 -35.89 2.41
CA ALA B 127 -16.28 -36.98 2.09
C ALA B 127 -17.56 -36.40 1.50
N ALA B 128 -18.20 -37.12 0.59
CA ALA B 128 -19.44 -36.65 0.00
C ALA B 128 -20.64 -36.83 0.94
N SER B 129 -20.39 -37.49 2.07
CA SER B 129 -21.46 -37.90 2.98
C SER B 129 -21.70 -36.95 4.15
N LEU B 130 -20.87 -35.91 4.25
CA LEU B 130 -21.00 -34.95 5.33
C LEU B 130 -22.36 -34.31 5.24
N ASP B 131 -22.87 -33.91 6.40
CA ASP B 131 -24.22 -33.37 6.48
C ASP B 131 -24.33 -32.06 5.73
N VAL B 132 -23.28 -31.24 5.77
CA VAL B 132 -23.35 -29.97 5.06
C VAL B 132 -23.48 -30.14 3.55
N TYR B 133 -23.19 -31.33 3.03
CA TYR B 133 -23.34 -31.58 1.59
C TYR B 133 -24.58 -32.37 1.27
N ASP B 134 -25.58 -32.30 2.14
CA ASP B 134 -26.81 -33.05 1.94
C ASP B 134 -27.62 -32.46 0.79
N GLY B 135 -27.78 -33.23 -0.29
CA GLY B 135 -28.41 -32.74 -1.50
C GLY B 135 -29.94 -32.72 -1.55
N ARG B 136 -30.60 -33.12 -0.48
CA ARG B 136 -32.05 -33.29 -0.55
C ARG B 136 -32.77 -31.98 -0.75
N PHE B 137 -32.21 -30.90 -0.21
CA PHE B 137 -32.88 -29.61 -0.23
C PHE B 137 -32.96 -28.98 -1.62
N LEU B 138 -31.84 -28.92 -2.33
CA LEU B 138 -31.81 -28.40 -3.70
C LEU B 138 -32.62 -29.30 -4.63
N ALA B 139 -32.64 -30.59 -4.34
CA ALA B 139 -33.41 -31.53 -5.13
C ALA B 139 -34.90 -31.27 -4.93
N GLN B 140 -35.31 -31.17 -3.67
CA GLN B 140 -36.72 -30.93 -3.36
C GLN B 140 -37.15 -29.53 -3.80
N VAL B 141 -36.44 -28.51 -3.33
CA VAL B 141 -36.87 -27.12 -3.52
C VAL B 141 -36.71 -26.58 -4.94
N GLU B 142 -35.54 -26.79 -5.51
CA GLU B 142 -35.23 -26.26 -6.85
C GLU B 142 -35.46 -27.29 -7.95
N GLY B 143 -35.89 -28.48 -7.54
CA GLY B 143 -36.08 -29.58 -8.48
C GLY B 143 -34.81 -29.93 -9.21
N ALA B 144 -33.68 -29.79 -8.52
CA ALA B 144 -32.39 -30.04 -9.14
C ALA B 144 -32.04 -31.52 -9.05
N VAL B 145 -31.32 -32.02 -10.04
CA VAL B 145 -30.70 -33.32 -9.91
C VAL B 145 -29.27 -33.10 -9.47
N LEU B 146 -28.94 -33.62 -8.30
CA LEU B 146 -27.65 -33.32 -7.69
C LEU B 146 -26.78 -34.55 -7.50
N VAL B 147 -25.53 -34.45 -7.93
CA VAL B 147 -24.59 -35.56 -7.82
C VAL B 147 -23.39 -35.18 -6.97
N SER B 148 -22.95 -36.09 -6.09
CA SER B 148 -21.66 -35.91 -5.41
C SER B 148 -20.87 -37.22 -5.40
N MET B 149 -19.54 -37.12 -5.54
CA MET B 149 -18.67 -38.31 -5.55
C MET B 149 -17.60 -38.27 -4.47
N ASN B 150 -17.09 -39.46 -4.11
CA ASN B 150 -15.86 -39.51 -3.35
C ASN B 150 -14.71 -39.62 -4.35
N TYR B 151 -13.57 -39.06 -3.99
CA TYR B 151 -12.37 -39.24 -4.77
C TYR B 151 -11.23 -39.40 -3.77
N ARG B 152 -10.22 -40.18 -4.13
CA ARG B 152 -9.11 -40.45 -3.22
C ARG B 152 -8.36 -39.16 -2.83
N VAL B 153 -8.00 -39.05 -1.56
CA VAL B 153 -7.26 -37.90 -1.08
C VAL B 153 -5.90 -38.30 -0.50
N GLY B 154 -5.14 -37.32 0.01
CA GLY B 154 -3.81 -37.56 0.54
C GLY B 154 -2.93 -38.41 -0.36
N THR B 155 -2.14 -39.29 0.24
CA THR B 155 -1.23 -40.12 -0.53
C THR B 155 -1.94 -40.98 -1.58
N PHE B 156 -3.14 -41.44 -1.27
CA PHE B 156 -3.79 -42.41 -2.15
C PHE B 156 -4.26 -41.78 -3.44
N GLY B 157 -4.60 -40.50 -3.39
CA GLY B 157 -5.08 -39.78 -4.56
C GLY B 157 -4.05 -38.92 -5.28
N PHE B 158 -3.05 -38.43 -4.58
CA PHE B 158 -2.13 -37.49 -5.21
C PHE B 158 -0.64 -37.76 -5.06
N LEU B 159 -0.27 -38.88 -4.44
CA LEU B 159 1.15 -39.22 -4.34
C LEU B 159 1.68 -39.65 -5.70
N ALA B 160 2.67 -38.91 -6.21
CA ALA B 160 3.21 -39.20 -7.53
C ALA B 160 4.73 -39.37 -7.56
N LEU B 161 5.17 -40.26 -8.44
CA LEU B 161 6.53 -40.31 -8.91
C LEU B 161 6.41 -40.00 -10.38
N PRO B 162 6.43 -38.71 -10.70
CA PRO B 162 6.17 -38.22 -12.06
C PRO B 162 6.93 -39.00 -13.10
N GLY B 163 6.24 -39.40 -14.17
CA GLY B 163 6.87 -40.16 -15.24
C GLY B 163 6.81 -41.66 -15.01
N SER B 164 6.57 -42.07 -13.77
CA SER B 164 6.43 -43.49 -13.46
C SER B 164 5.14 -44.02 -14.08
N ARG B 165 5.04 -45.34 -14.23
CA ARG B 165 3.83 -45.93 -14.77
C ARG B 165 2.86 -46.23 -13.64
N GLU B 166 3.41 -46.49 -12.45
CA GLU B 166 2.61 -47.00 -11.34
C GLU B 166 2.31 -45.97 -10.25
N ALA B 167 2.64 -44.72 -10.53
CA ALA B 167 2.26 -43.60 -9.67
C ALA B 167 2.40 -42.33 -10.48
N PRO B 168 1.47 -42.12 -11.42
CA PRO B 168 1.52 -41.07 -12.44
C PRO B 168 1.14 -39.69 -11.90
N GLY B 169 0.43 -39.67 -10.79
CA GLY B 169 -0.06 -38.43 -10.22
C GLY B 169 -1.49 -38.12 -10.61
N ASN B 170 -2.12 -37.25 -9.82
CA ASN B 170 -3.45 -36.73 -10.11
C ASN B 170 -4.55 -37.79 -10.19
N VAL B 171 -4.35 -38.95 -9.59
CA VAL B 171 -5.37 -39.99 -9.73
C VAL B 171 -6.68 -39.56 -9.06
N GLY B 172 -6.58 -38.77 -8.00
CA GLY B 172 -7.76 -38.24 -7.36
C GLY B 172 -8.57 -37.38 -8.31
N LEU B 173 -7.92 -36.71 -9.24
CA LEU B 173 -8.63 -35.87 -10.21
C LEU B 173 -9.24 -36.76 -11.28
N LEU B 174 -8.53 -37.83 -11.61
CA LEU B 174 -9.06 -38.84 -12.50
C LEU B 174 -10.31 -39.52 -11.94
N ASP B 175 -10.32 -39.77 -10.63
CA ASP B 175 -11.54 -40.23 -9.97
C ASP B 175 -12.68 -39.29 -10.28
N GLN B 176 -12.46 -38.00 -10.06
CA GLN B 176 -13.49 -37.01 -10.32
C GLN B 176 -13.93 -37.06 -11.79
N ARG B 177 -12.96 -37.13 -12.69
CA ARG B 177 -13.29 -37.18 -14.11
C ARG B 177 -14.13 -38.40 -14.47
N LEU B 178 -13.85 -39.52 -13.81
CA LEU B 178 -14.51 -40.77 -14.12
C LEU B 178 -15.96 -40.67 -13.72
N ALA B 179 -16.20 -40.11 -12.54
CA ALA B 179 -17.55 -39.85 -12.06
C ALA B 179 -18.29 -38.88 -13.00
N LEU B 180 -17.57 -37.92 -13.58
CA LEU B 180 -18.17 -37.02 -14.57
C LEU B 180 -18.65 -37.77 -15.80
N GLN B 181 -17.80 -38.67 -16.32
CA GLN B 181 -18.17 -39.53 -17.45
C GLN B 181 -19.37 -40.41 -17.08
N TRP B 182 -19.39 -40.90 -15.84
CA TRP B 182 -20.49 -41.74 -15.39
C TRP B 182 -21.78 -40.95 -15.48
N VAL B 183 -21.71 -39.66 -15.15
CA VAL B 183 -22.88 -38.79 -15.18
C VAL B 183 -23.35 -38.56 -16.62
N GLN B 184 -22.42 -38.45 -17.55
CA GLN B 184 -22.78 -38.33 -18.96
C GLN B 184 -23.52 -39.57 -19.43
N GLU B 185 -23.02 -40.73 -19.04
CA GLU B 185 -23.54 -42.01 -19.53
C GLU B 185 -24.76 -42.52 -18.79
N ASN B 186 -25.04 -41.95 -17.63
CA ASN B 186 -26.07 -42.52 -16.78
C ASN B 186 -27.13 -41.54 -16.28
N ILE B 187 -26.80 -40.26 -16.25
CA ILE B 187 -27.64 -39.32 -15.52
C ILE B 187 -29.07 -39.26 -16.05
N ALA B 188 -29.24 -39.40 -17.37
CA ALA B 188 -30.57 -39.40 -17.99
C ALA B 188 -31.52 -40.42 -17.36
N ALA B 189 -31.01 -41.58 -16.95
CA ALA B 189 -31.85 -42.59 -16.32
C ALA B 189 -32.53 -42.05 -15.08
N PHE B 190 -31.93 -41.02 -14.48
CA PHE B 190 -32.43 -40.43 -13.25
C PHE B 190 -33.28 -39.20 -13.52
N GLY B 191 -33.33 -38.79 -14.79
CA GLY B 191 -34.05 -37.61 -15.21
C GLY B 191 -33.16 -36.38 -15.29
N GLY B 192 -31.85 -36.60 -15.38
CA GLY B 192 -30.89 -35.51 -15.47
C GLY B 192 -30.59 -35.17 -16.91
N ASP B 193 -30.12 -33.95 -17.15
CA ASP B 193 -29.76 -33.52 -18.50
C ASP B 193 -28.23 -33.52 -18.66
N PRO B 194 -27.70 -34.51 -19.37
CA PRO B 194 -26.24 -34.59 -19.57
C PRO B 194 -25.72 -33.38 -20.35
N MET B 195 -26.62 -32.65 -20.99
CA MET B 195 -26.20 -31.48 -21.77
C MET B 195 -26.21 -30.19 -20.96
N SER B 196 -26.57 -30.30 -19.67
CA SER B 196 -26.49 -29.18 -18.76
C SER B 196 -25.97 -29.65 -17.40
N VAL B 197 -24.64 -29.70 -17.31
CA VAL B 197 -23.95 -30.15 -16.12
C VAL B 197 -23.11 -29.03 -15.56
N THR B 198 -23.38 -28.66 -14.32
CA THR B 198 -22.63 -27.62 -13.66
C THR B 198 -21.81 -28.22 -12.52
N LEU B 199 -20.50 -28.04 -12.57
CA LEU B 199 -19.66 -28.41 -11.42
C LEU B 199 -19.66 -27.29 -10.40
N PHE B 200 -19.68 -27.62 -9.13
CA PHE B 200 -19.37 -26.64 -8.10
C PHE B 200 -18.65 -27.30 -6.96
N GLY B 201 -17.80 -26.54 -6.28
CA GLY B 201 -17.06 -27.08 -5.16
C GLY B 201 -16.50 -25.96 -4.33
N GLU B 202 -15.88 -26.32 -3.21
CA GLU B 202 -15.34 -25.37 -2.25
C GLU B 202 -13.92 -25.77 -1.80
N SER B 203 -13.08 -24.79 -1.47
CA SER B 203 -11.68 -25.03 -1.11
C SER B 203 -10.99 -25.92 -2.20
N ALA B 204 -10.41 -27.04 -1.80
CA ALA B 204 -9.78 -27.95 -2.76
C ALA B 204 -10.76 -28.41 -3.84
N GLY B 205 -12.04 -28.44 -3.50
CA GLY B 205 -13.08 -28.74 -4.48
C GLY B 205 -13.20 -27.66 -5.55
N ALA B 206 -13.07 -26.40 -5.16
CA ALA B 206 -13.08 -25.31 -6.11
C ALA B 206 -11.87 -25.43 -7.03
N ALA B 207 -10.70 -25.67 -6.43
CA ALA B 207 -9.50 -25.86 -7.23
C ALA B 207 -9.63 -27.03 -8.21
N SER B 208 -10.32 -28.09 -7.79
CA SER B 208 -10.50 -29.27 -8.65
C SER B 208 -11.34 -28.90 -9.88
N VAL B 209 -12.48 -28.25 -9.63
CA VAL B 209 -13.30 -27.70 -10.69
C VAL B 209 -12.43 -26.86 -11.63
N GLY B 210 -11.61 -25.99 -11.04
CA GLY B 210 -10.71 -25.14 -11.81
C GLY B 210 -9.81 -25.97 -12.70
N MET B 211 -9.25 -27.04 -12.13
CA MET B 211 -8.42 -27.93 -12.93
C MET B 211 -9.16 -28.67 -14.05
N HIS B 212 -10.45 -28.90 -13.89
CA HIS B 212 -11.19 -29.56 -14.96
C HIS B 212 -11.42 -28.58 -16.08
N ILE B 213 -11.54 -27.31 -15.72
CA ILE B 213 -11.64 -26.24 -16.70
C ILE B 213 -10.38 -26.18 -17.55
N LEU B 214 -9.25 -26.47 -16.90
CA LEU B 214 -7.93 -26.29 -17.51
C LEU B 214 -7.39 -27.57 -18.11
N SER B 215 -8.22 -28.61 -18.18
CA SER B 215 -7.75 -29.88 -18.71
C SER B 215 -8.71 -30.38 -19.78
N LEU B 216 -8.26 -30.33 -21.02
CA LEU B 216 -9.10 -30.59 -22.19
C LEU B 216 -10.04 -31.81 -22.10
N PRO B 217 -9.52 -32.99 -21.74
CA PRO B 217 -10.39 -34.17 -21.65
C PRO B 217 -11.60 -33.98 -20.72
N SER B 218 -11.46 -33.16 -19.69
CA SER B 218 -12.59 -32.88 -18.77
C SER B 218 -13.63 -31.98 -19.40
N ARG B 219 -13.18 -31.06 -20.25
CA ARG B 219 -14.05 -30.03 -20.82
C ARG B 219 -15.31 -30.57 -21.48
N SER B 220 -15.20 -31.71 -22.14
CA SER B 220 -16.37 -32.27 -22.79
C SER B 220 -17.40 -32.86 -21.83
N LEU B 221 -17.26 -32.57 -20.54
CA LEU B 221 -18.07 -33.27 -19.53
C LEU B 221 -18.90 -32.35 -18.65
N PHE B 222 -18.75 -31.04 -18.81
CA PHE B 222 -19.58 -30.10 -18.06
C PHE B 222 -19.67 -28.80 -18.84
N HIS B 223 -20.53 -27.89 -18.39
CA HIS B 223 -20.83 -26.69 -19.16
C HIS B 223 -20.62 -25.38 -18.38
N ARG B 224 -20.56 -25.50 -17.06
CA ARG B 224 -20.43 -24.33 -16.21
C ARG B 224 -19.74 -24.75 -14.92
N ALA B 225 -19.21 -23.78 -14.20
CA ALA B 225 -18.41 -24.09 -13.04
C ALA B 225 -18.65 -23.07 -11.95
N VAL B 226 -18.62 -23.51 -10.70
CA VAL B 226 -18.74 -22.61 -9.58
C VAL B 226 -17.58 -22.93 -8.68
N LEU B 227 -16.75 -21.93 -8.41
CA LEU B 227 -15.57 -22.15 -7.58
C LEU B 227 -15.75 -21.32 -6.33
N GLN B 228 -15.93 -22.00 -5.21
CA GLN B 228 -16.12 -21.31 -3.95
C GLN B 228 -14.86 -21.40 -3.12
N SER B 229 -14.20 -20.26 -2.93
CA SER B 229 -13.04 -20.18 -2.03
C SER B 229 -11.86 -21.08 -2.41
N GLY B 230 -11.63 -21.26 -3.69
CA GLY B 230 -10.52 -22.09 -4.13
C GLY B 230 -10.25 -21.94 -5.61
N THR B 231 -8.99 -22.14 -5.98
CA THR B 231 -8.55 -21.91 -7.35
C THR B 231 -7.46 -22.90 -7.69
N PRO B 232 -7.29 -23.20 -8.99
CA PRO B 232 -6.18 -24.05 -9.41
C PRO B 232 -4.85 -23.31 -9.22
N ASN B 233 -4.82 -22.07 -9.69
CA ASN B 233 -3.69 -21.18 -9.43
C ASN B 233 -3.54 -20.90 -7.93
N GLY B 234 -2.44 -20.30 -7.53
CA GLY B 234 -2.21 -20.02 -6.13
C GLY B 234 -1.21 -20.97 -5.51
N PRO B 235 -0.81 -20.69 -4.25
CA PRO B 235 0.34 -21.33 -3.61
C PRO B 235 0.15 -22.80 -3.19
N TRP B 236 -1.08 -23.21 -2.89
CA TRP B 236 -1.29 -24.51 -2.24
C TRP B 236 -1.86 -25.61 -3.12
N ALA B 237 -2.43 -25.25 -4.28
CA ALA B 237 -3.22 -26.20 -5.06
C ALA B 237 -2.42 -27.12 -5.96
N THR B 238 -1.22 -26.73 -6.34
CA THR B 238 -0.39 -27.60 -7.20
C THR B 238 1.04 -27.66 -6.73
N VAL B 239 1.75 -28.66 -7.20
CA VAL B 239 3.18 -28.74 -7.00
C VAL B 239 3.86 -29.11 -8.30
N SER B 240 5.17 -28.85 -8.36
CA SER B 240 5.97 -29.19 -9.52
C SER B 240 6.22 -30.68 -9.52
N ALA B 241 6.48 -31.26 -10.69
CA ALA B 241 6.88 -32.65 -10.77
C ALA B 241 8.05 -32.93 -9.84
N GLY B 242 9.03 -32.03 -9.83
CA GLY B 242 10.18 -32.16 -8.95
C GLY B 242 9.83 -32.25 -7.48
N GLU B 243 9.01 -31.32 -7.02
CA GLU B 243 8.64 -31.30 -5.61
C GLU B 243 7.74 -32.49 -5.21
N ALA B 244 6.97 -33.00 -6.18
CA ALA B 244 6.12 -34.17 -5.92
C ALA B 244 6.96 -35.42 -5.78
N ARG B 245 7.94 -35.55 -6.68
CA ARG B 245 8.91 -36.64 -6.61
C ARG B 245 9.65 -36.54 -5.29
N ARG B 246 10.05 -35.33 -4.94
CA ARG B 246 10.72 -35.13 -3.67
C ARG B 246 9.88 -35.66 -2.50
N ARG B 247 8.63 -35.21 -2.37
CA ARG B 247 7.83 -35.58 -1.20
C ARG B 247 7.48 -37.07 -1.17
N ALA B 248 7.24 -37.64 -2.33
CA ALA B 248 6.99 -39.06 -2.46
C ALA B 248 8.12 -39.90 -1.87
N THR B 249 9.34 -39.69 -2.35
CA THR B 249 10.45 -40.55 -1.90
C THR B 249 10.76 -40.33 -0.41
N LEU B 250 10.62 -39.10 0.04
CA LEU B 250 10.82 -38.81 1.45
C LEU B 250 9.80 -39.58 2.29
N LEU B 251 8.57 -39.69 1.80
CA LEU B 251 7.59 -40.45 2.56
C LEU B 251 7.91 -41.94 2.48
N ALA B 252 8.41 -42.38 1.33
CA ALA B 252 8.81 -43.78 1.18
C ALA B 252 9.86 -44.09 2.22
N ARG B 253 10.75 -43.14 2.43
CA ARG B 253 11.83 -43.29 3.37
C ARG B 253 11.28 -43.38 4.79
N LEU B 254 10.35 -42.49 5.11
CA LEU B 254 9.75 -42.47 6.44
C LEU B 254 9.01 -43.78 6.78
N VAL B 255 8.76 -44.59 5.77
CA VAL B 255 8.05 -45.86 5.98
C VAL B 255 8.90 -47.07 5.58
N GLY B 256 10.19 -46.82 5.36
CA GLY B 256 11.15 -47.86 5.04
C GLY B 256 11.12 -48.37 3.61
N CYS B 257 11.35 -47.50 2.64
CA CYS B 257 11.29 -47.91 1.25
C CYS B 257 12.31 -47.20 0.36
N ASN B 265 15.09 -46.71 -8.22
CA ASN B 265 14.11 -47.07 -9.24
C ASN B 265 12.67 -47.06 -8.72
N ASP B 266 11.77 -46.41 -9.48
CA ASP B 266 10.38 -46.18 -9.06
C ASP B 266 9.60 -47.44 -8.75
N THR B 267 9.53 -48.32 -9.73
CA THR B 267 8.80 -49.57 -9.60
C THR B 267 9.00 -50.23 -8.25
N GLU B 268 10.27 -50.32 -7.84
CA GLU B 268 10.60 -50.94 -6.56
C GLU B 268 10.02 -50.13 -5.41
N LEU B 269 10.32 -48.85 -5.38
CA LEU B 269 9.77 -47.96 -4.35
C LEU B 269 8.24 -48.08 -4.25
N ILE B 270 7.56 -47.97 -5.39
CA ILE B 270 6.11 -47.96 -5.41
C ILE B 270 5.53 -49.29 -4.95
N ALA B 271 6.15 -50.39 -5.38
CA ALA B 271 5.74 -51.70 -4.92
C ALA B 271 5.75 -51.80 -3.39
N CYS B 272 6.84 -51.37 -2.77
CA CYS B 272 6.94 -51.45 -1.32
C CYS B 272 5.86 -50.59 -0.63
N LEU B 273 5.56 -49.43 -1.21
CA LEU B 273 4.53 -48.54 -0.67
C LEU B 273 3.14 -49.20 -0.71
N ARG B 274 2.86 -49.90 -1.80
CA ARG B 274 1.59 -50.63 -1.96
C ARG B 274 1.37 -51.71 -0.91
N THR B 275 2.43 -52.08 -0.20
CA THR B 275 2.35 -53.11 0.82
C THR B 275 2.20 -52.54 2.23
N ARG B 276 2.04 -51.24 2.35
CA ARG B 276 1.90 -50.64 3.67
C ARG B 276 0.44 -50.41 4.04
N PRO B 277 0.04 -50.83 5.23
CA PRO B 277 -1.30 -50.46 5.70
C PRO B 277 -1.57 -48.98 5.44
N ALA B 278 -2.80 -48.65 5.08
CA ALA B 278 -3.18 -47.29 4.79
C ALA B 278 -2.69 -46.34 5.88
N GLN B 279 -2.97 -46.71 7.13
CA GLN B 279 -2.69 -45.82 8.26
C GLN B 279 -1.21 -45.53 8.49
N ASP B 280 -0.34 -46.39 7.96
CA ASP B 280 1.09 -46.13 8.05
C ASP B 280 1.42 -44.93 7.19
N LEU B 281 0.83 -44.90 5.99
CA LEU B 281 1.00 -43.79 5.05
C LEU B 281 0.47 -42.48 5.62
N VAL B 282 -0.73 -42.51 6.16
CA VAL B 282 -1.33 -41.34 6.76
C VAL B 282 -0.49 -40.81 7.93
N ASP B 283 0.19 -41.73 8.62
CA ASP B 283 0.97 -41.39 9.81
C ASP B 283 2.13 -40.43 9.50
N HIS B 284 2.60 -40.43 8.26
CA HIS B 284 3.67 -39.52 7.88
C HIS B 284 3.28 -38.47 6.85
N GLU B 285 1.99 -38.45 6.48
CA GLU B 285 1.49 -37.54 5.45
C GLU B 285 2.05 -36.14 5.66
N TRP B 286 1.97 -35.68 6.90
CA TRP B 286 2.30 -34.30 7.26
C TRP B 286 3.77 -34.00 7.47
N HIS B 287 4.66 -34.95 7.20
CA HIS B 287 6.06 -34.72 7.53
C HIS B 287 6.93 -34.59 6.30
N VAL B 288 6.32 -34.36 5.15
CA VAL B 288 7.12 -34.19 3.95
C VAL B 288 7.15 -32.73 3.48
N LEU B 289 6.46 -31.85 4.20
CA LEU B 289 6.44 -30.43 3.84
C LEU B 289 7.83 -29.78 3.99
N PRO B 290 8.26 -29.04 2.96
CA PRO B 290 9.60 -28.42 2.87
C PRO B 290 9.88 -27.36 3.95
N GLN B 291 8.84 -26.76 4.52
CA GLN B 291 9.04 -25.82 5.61
C GLN B 291 7.86 -25.89 6.54
N GLU B 292 7.97 -25.24 7.69
CA GLU B 292 6.82 -25.08 8.56
C GLU B 292 5.85 -24.11 7.89
N SER B 293 4.59 -24.49 7.77
CA SER B 293 3.64 -23.63 7.07
C SER B 293 2.19 -23.85 7.46
N ILE B 294 1.35 -22.88 7.09
CA ILE B 294 -0.09 -23.08 7.14
C ILE B 294 -0.68 -22.95 5.75
N PHE B 295 -1.86 -23.54 5.59
CA PHE B 295 -2.51 -23.59 4.30
C PHE B 295 -1.57 -24.19 3.27
N ARG B 296 -0.84 -25.22 3.68
CA ARG B 296 -0.01 -25.95 2.77
C ARG B 296 -0.20 -27.46 3.05
N PHE B 297 -0.27 -28.25 1.99
CA PHE B 297 -0.66 -29.66 2.11
C PHE B 297 0.30 -30.54 1.35
N SER B 298 0.61 -31.72 1.92
CA SER B 298 1.67 -32.59 1.41
C SER B 298 1.42 -33.21 0.03
N PHE B 299 0.19 -33.66 -0.23
CA PHE B 299 -0.10 -34.31 -1.50
C PHE B 299 -1.29 -33.72 -2.21
N VAL B 300 -0.99 -33.10 -3.35
CA VAL B 300 -1.94 -32.29 -4.10
C VAL B 300 -1.60 -32.52 -5.57
N PRO B 301 -2.47 -32.02 -6.47
CA PRO B 301 -2.24 -32.22 -7.89
C PRO B 301 -0.86 -31.76 -8.29
N VAL B 302 -0.32 -32.38 -9.33
CA VAL B 302 1.04 -32.10 -9.74
C VAL B 302 1.08 -31.72 -11.22
N VAL B 303 1.78 -30.64 -11.55
CA VAL B 303 1.95 -30.28 -12.96
C VAL B 303 2.76 -31.39 -13.64
N ASP B 304 2.07 -32.22 -14.42
CA ASP B 304 2.66 -33.43 -14.98
C ASP B 304 2.75 -33.35 -16.50
N GLY B 305 2.46 -32.20 -17.06
CA GLY B 305 2.35 -32.08 -18.50
C GLY B 305 1.34 -33.05 -19.10
N ASP B 306 0.48 -33.62 -18.26
CA ASP B 306 -0.53 -34.56 -18.74
C ASP B 306 -1.93 -34.07 -18.38
N PHE B 307 -2.39 -34.37 -17.16
CA PHE B 307 -3.66 -33.80 -16.72
C PHE B 307 -3.53 -32.29 -16.82
N LEU B 308 -2.47 -31.78 -16.22
CA LEU B 308 -2.11 -30.38 -16.35
C LEU B 308 -0.92 -30.29 -17.29
N SER B 309 -1.13 -29.73 -18.48
CA SER B 309 -0.08 -29.64 -19.47
C SER B 309 0.98 -28.59 -19.10
N ASP B 310 0.57 -27.54 -18.39
CA ASP B 310 1.50 -26.53 -17.90
C ASP B 310 0.98 -26.11 -16.53
N THR B 311 1.63 -25.15 -15.87
CA THR B 311 1.12 -24.69 -14.58
C THR B 311 -0.24 -24.02 -14.75
N PRO B 312 -1.04 -24.00 -13.68
CA PRO B 312 -2.34 -23.35 -13.79
C PRO B 312 -2.17 -21.90 -14.24
N GLU B 313 -1.16 -21.23 -13.69
CA GLU B 313 -0.95 -19.82 -14.02
C GLU B 313 -0.70 -19.66 -15.52
N ALA B 314 0.15 -20.51 -16.08
CA ALA B 314 0.40 -20.49 -17.51
C ALA B 314 -0.89 -20.71 -18.30
N LEU B 315 -1.61 -21.77 -17.96
CA LEU B 315 -2.81 -22.18 -18.67
C LEU B 315 -3.95 -21.16 -18.64
N ILE B 316 -4.09 -20.43 -17.53
CA ILE B 316 -5.17 -19.44 -17.47
C ILE B 316 -4.75 -18.19 -18.21
N ASN B 317 -3.44 -17.96 -18.30
CA ASN B 317 -2.92 -16.80 -19.03
C ASN B 317 -3.12 -16.93 -20.53
N THR B 318 -3.08 -18.16 -21.02
CA THR B 318 -3.02 -18.40 -22.44
C THR B 318 -4.25 -19.14 -22.97
N GLY B 319 -5.18 -19.46 -22.09
CA GLY B 319 -6.32 -20.25 -22.49
C GLY B 319 -7.40 -19.44 -23.18
N ASP B 320 -8.28 -20.13 -23.91
CA ASP B 320 -9.44 -19.49 -24.50
C ASP B 320 -10.69 -19.97 -23.79
N PHE B 321 -11.44 -19.02 -23.24
CA PHE B 321 -12.54 -19.36 -22.35
C PHE B 321 -13.88 -18.85 -22.87
N GLN B 322 -13.97 -18.71 -24.19
CA GLN B 322 -15.14 -18.16 -24.86
C GLN B 322 -16.48 -18.62 -24.27
N ASP B 323 -16.86 -19.86 -24.55
CA ASP B 323 -18.21 -20.31 -24.22
C ASP B 323 -18.32 -20.92 -22.83
N LEU B 324 -17.61 -20.30 -21.88
CA LEU B 324 -17.58 -20.75 -20.50
C LEU B 324 -18.35 -19.79 -19.59
N GLN B 325 -19.13 -20.32 -18.68
CA GLN B 325 -19.65 -19.49 -17.60
C GLN B 325 -19.21 -20.00 -16.24
N VAL B 326 -18.76 -19.06 -15.42
CA VAL B 326 -18.11 -19.35 -14.17
C VAL B 326 -18.60 -18.42 -13.09
N LEU B 327 -18.89 -18.97 -11.92
CA LEU B 327 -19.28 -18.19 -10.77
C LEU B 327 -18.22 -18.44 -9.70
N VAL B 328 -17.67 -17.37 -9.13
CA VAL B 328 -16.58 -17.54 -8.18
C VAL B 328 -16.76 -16.60 -7.01
N GLY B 329 -16.26 -16.99 -5.85
CA GLY B 329 -16.41 -16.14 -4.70
C GLY B 329 -15.66 -16.63 -3.50
N VAL B 330 -15.70 -15.84 -2.45
CA VAL B 330 -14.93 -16.06 -1.25
C VAL B 330 -15.80 -15.64 -0.09
N VAL B 331 -15.42 -16.06 1.12
CA VAL B 331 -16.12 -15.67 2.33
C VAL B 331 -15.39 -14.51 2.96
N LYS B 332 -16.04 -13.82 3.89
CA LYS B 332 -15.49 -12.59 4.45
C LYS B 332 -14.12 -12.83 5.11
N ASP B 333 -13.94 -13.96 5.76
CA ASP B 333 -12.71 -14.21 6.53
C ASP B 333 -12.04 -15.54 6.17
N GLU B 334 -11.67 -15.65 4.91
CA GLU B 334 -10.95 -16.80 4.39
C GLU B 334 -9.85 -17.33 5.32
N GLY B 335 -9.10 -16.46 5.97
CA GLY B 335 -7.88 -16.91 6.64
C GLY B 335 -7.96 -17.48 8.05
N SER B 336 -9.02 -17.17 8.79
CA SER B 336 -9.04 -17.38 10.24
C SER B 336 -8.97 -18.84 10.68
N TYR B 337 -9.72 -19.70 10.02
CA TYR B 337 -9.77 -21.12 10.33
C TYR B 337 -8.38 -21.75 10.47
N PHE B 338 -7.43 -21.27 9.68
CA PHE B 338 -6.14 -21.93 9.54
C PHE B 338 -5.18 -21.54 10.62
N LEU B 339 -5.49 -20.44 11.30
CA LEU B 339 -4.57 -19.86 12.28
C LEU B 339 -4.50 -20.73 13.53
N VAL B 340 -5.65 -21.22 13.97
CA VAL B 340 -5.73 -22.04 15.17
C VAL B 340 -4.98 -23.36 15.01
N TYR B 341 -4.60 -23.69 13.78
CA TYR B 341 -3.84 -24.90 13.52
C TYR B 341 -2.33 -24.64 13.57
N GLY B 342 -1.86 -24.16 14.71
CA GLY B 342 -0.42 -24.07 14.94
C GLY B 342 0.24 -22.73 14.78
N VAL B 343 -0.54 -21.66 14.58
CA VAL B 343 0.04 -20.33 14.59
C VAL B 343 0.03 -19.84 16.03
N PRO B 344 1.23 -19.71 16.62
CA PRO B 344 1.39 -19.37 18.04
C PRO B 344 0.64 -18.09 18.35
N GLY B 345 -0.30 -18.17 19.29
CA GLY B 345 -1.10 -17.02 19.67
C GLY B 345 -2.58 -17.28 19.44
N PHE B 346 -2.88 -18.25 18.59
CA PHE B 346 -4.27 -18.47 18.18
C PHE B 346 -4.90 -19.71 18.78
N SER B 347 -6.14 -19.53 19.25
CA SER B 347 -6.94 -20.60 19.78
C SER B 347 -8.37 -20.18 19.52
N LYS B 348 -9.28 -21.15 19.45
CA LYS B 348 -10.70 -20.87 19.41
C LYS B 348 -11.23 -20.52 20.81
N ASP B 349 -10.37 -20.66 21.82
CA ASP B 349 -10.82 -20.46 23.19
C ASP B 349 -10.58 -19.03 23.72
N ASN B 350 -9.39 -18.46 23.53
CA ASN B 350 -9.22 -17.04 23.83
C ASN B 350 -9.53 -16.13 22.63
N GLU B 351 -9.37 -14.83 22.81
CA GLU B 351 -9.65 -13.89 21.73
C GLU B 351 -8.45 -13.71 20.83
N SER B 352 -7.45 -14.55 21.06
CA SER B 352 -6.24 -14.56 20.25
C SER B 352 -5.74 -13.18 19.88
N LEU B 353 -5.80 -12.25 20.82
CA LEU B 353 -5.15 -10.96 20.63
C LEU B 353 -3.66 -11.23 20.65
N ILE B 354 -2.91 -10.66 19.72
CA ILE B 354 -1.51 -11.04 19.60
C ILE B 354 -0.57 -9.87 19.63
N SER B 355 0.70 -10.18 19.85
CA SER B 355 1.76 -9.17 19.88
C SER B 355 2.28 -8.94 18.47
N ARG B 356 2.99 -7.84 18.28
CA ARG B 356 3.64 -7.58 17.00
C ARG B 356 4.67 -8.67 16.70
N ALA B 357 5.26 -9.21 17.77
CA ALA B 357 6.27 -10.25 17.62
C ALA B 357 5.65 -11.50 17.03
N GLN B 358 4.52 -11.91 17.60
CA GLN B 358 3.78 -13.06 17.09
C GLN B 358 3.36 -12.83 15.64
N PHE B 359 2.91 -11.62 15.33
CA PHE B 359 2.51 -11.28 13.96
C PHE B 359 3.63 -11.53 12.96
N LEU B 360 4.84 -11.07 13.26
CA LEU B 360 5.96 -11.29 12.34
C LEU B 360 6.25 -12.78 12.22
N ALA B 361 6.19 -13.47 13.36
CA ALA B 361 6.44 -14.90 13.38
C ALA B 361 5.42 -15.64 12.52
N GLY B 362 4.15 -15.24 12.67
CA GLY B 362 3.04 -15.80 11.91
C GLY B 362 3.15 -15.62 10.40
N VAL B 363 3.77 -14.52 9.97
CA VAL B 363 3.98 -14.27 8.55
C VAL B 363 5.03 -15.20 7.90
N ARG B 364 6.06 -15.59 8.64
CA ARG B 364 7.06 -16.52 8.12
C ARG B 364 6.40 -17.86 7.85
N ILE B 365 5.38 -18.15 8.64
CA ILE B 365 4.65 -19.39 8.54
C ILE B 365 3.57 -19.32 7.44
N GLY B 366 2.91 -18.17 7.37
CA GLY B 366 1.88 -17.91 6.37
C GLY B 366 2.41 -17.80 4.95
N VAL B 367 3.60 -17.24 4.80
CA VAL B 367 4.24 -17.14 3.50
C VAL B 367 5.56 -17.88 3.55
N PRO B 368 5.47 -19.21 3.75
CA PRO B 368 6.63 -20.05 4.03
C PRO B 368 7.69 -19.88 2.96
N GLN B 369 7.24 -19.44 1.79
CA GLN B 369 8.12 -19.36 0.63
C GLN B 369 8.86 -18.01 0.55
N ALA B 370 8.52 -17.10 1.46
CA ALA B 370 9.05 -15.73 1.40
C ALA B 370 10.46 -15.53 1.96
N SER B 371 11.27 -14.76 1.22
CA SER B 371 12.56 -14.30 1.72
C SER B 371 12.34 -13.33 2.86
N ASP B 372 13.42 -12.94 3.53
CA ASP B 372 13.29 -12.00 4.62
C ASP B 372 12.69 -10.69 4.12
N LEU B 373 13.18 -10.22 2.99
CA LEU B 373 12.73 -8.95 2.45
C LEU B 373 11.25 -8.98 2.06
N ALA B 374 10.84 -10.08 1.44
CA ALA B 374 9.44 -10.28 1.08
C ALA B 374 8.54 -10.37 2.33
N ALA B 375 9.01 -11.06 3.36
CA ALA B 375 8.24 -11.16 4.59
C ALA B 375 8.11 -9.78 5.19
N GLU B 376 9.17 -8.99 5.08
CA GLU B 376 9.14 -7.62 5.59
C GLU B 376 8.08 -6.82 4.84
N ALA B 377 8.09 -6.92 3.51
CA ALA B 377 7.10 -6.25 2.69
C ALA B 377 5.66 -6.63 3.09
N VAL B 378 5.44 -7.89 3.47
CA VAL B 378 4.10 -8.29 3.86
C VAL B 378 3.71 -7.61 5.14
N VAL B 379 4.62 -7.62 6.11
CA VAL B 379 4.42 -6.98 7.40
C VAL B 379 4.17 -5.48 7.29
N LEU B 380 4.92 -4.82 6.43
CA LEU B 380 4.73 -3.40 6.27
C LEU B 380 3.40 -3.09 5.63
N HIS B 381 3.02 -3.89 4.64
CA HIS B 381 1.79 -3.65 3.91
C HIS B 381 0.56 -3.84 4.81
N TYR B 382 0.65 -4.82 5.70
CA TYR B 382 -0.50 -5.22 6.51
C TYR B 382 -0.57 -4.55 7.87
N THR B 383 0.53 -3.92 8.30
CA THR B 383 0.49 -3.13 9.52
C THR B 383 -0.45 -1.92 9.36
N ASP B 384 -1.20 -1.60 10.41
CA ASP B 384 -1.93 -0.35 10.48
C ASP B 384 -1.07 0.68 11.21
N TRP B 385 -0.40 1.53 10.44
CA TRP B 385 0.60 2.42 11.01
C TRP B 385 0.04 3.43 11.99
N LEU B 386 -1.27 3.61 11.99
CA LEU B 386 -1.92 4.37 13.03
C LEU B 386 -2.01 3.63 14.37
N HIS B 387 -1.93 2.29 14.30
CA HIS B 387 -2.01 1.41 15.47
C HIS B 387 -1.13 0.17 15.26
N PRO B 388 0.17 0.39 15.04
CA PRO B 388 1.11 -0.66 14.62
C PRO B 388 1.25 -1.77 15.65
N GLU B 389 0.73 -1.56 16.85
CA GLU B 389 0.94 -2.54 17.91
C GLU B 389 -0.34 -2.96 18.61
N ASP B 390 -1.48 -2.53 18.10
CA ASP B 390 -2.74 -2.99 18.64
C ASP B 390 -3.03 -4.43 18.21
N PRO B 391 -3.12 -5.35 19.19
CA PRO B 391 -3.29 -6.80 19.04
C PRO B 391 -4.60 -7.20 18.34
N THR B 392 -5.65 -6.40 18.45
CA THR B 392 -6.85 -6.71 17.67
C THR B 392 -6.57 -6.56 16.18
N HIS B 393 -5.88 -5.48 15.80
CA HIS B 393 -5.50 -5.28 14.41
C HIS B 393 -4.52 -6.33 13.94
N LEU B 394 -3.53 -6.61 14.78
CA LEU B 394 -2.51 -7.60 14.45
C LEU B 394 -3.11 -8.98 14.20
N ARG B 395 -4.06 -9.36 15.04
CA ARG B 395 -4.74 -10.64 14.89
C ARG B 395 -5.52 -10.68 13.58
N ASP B 396 -6.37 -9.68 13.36
CA ASP B 396 -7.12 -9.58 12.11
C ASP B 396 -6.18 -9.56 10.90
N ALA B 397 -5.09 -8.83 11.00
CA ALA B 397 -4.16 -8.71 9.89
C ALA B 397 -3.58 -10.07 9.53
N MET B 398 -3.22 -10.85 10.55
CA MET B 398 -2.67 -12.19 10.36
C MET B 398 -3.64 -13.07 9.58
N SER B 399 -4.92 -12.95 9.91
CA SER B 399 -5.96 -13.67 9.20
C SER B 399 -6.03 -13.22 7.72
N ALA B 400 -6.04 -11.90 7.50
CA ALA B 400 -6.09 -11.36 6.14
C ALA B 400 -4.90 -11.78 5.30
N VAL B 401 -3.70 -11.76 5.87
CA VAL B 401 -2.54 -12.23 5.12
C VAL B 401 -2.84 -13.64 4.58
N VAL B 402 -3.31 -14.51 5.47
CA VAL B 402 -3.53 -15.90 5.12
C VAL B 402 -4.63 -16.05 4.07
N GLY B 403 -5.76 -15.40 4.30
CA GLY B 403 -6.88 -15.44 3.36
C GLY B 403 -6.55 -14.86 2.00
N ASP B 404 -5.81 -13.75 2.01
CA ASP B 404 -5.51 -13.02 0.80
C ASP B 404 -4.49 -13.74 -0.04
N HIS B 405 -3.43 -14.20 0.62
CA HIS B 405 -2.37 -14.90 -0.07
C HIS B 405 -2.89 -16.19 -0.73
N ASN B 406 -3.85 -16.84 -0.08
CA ASN B 406 -4.20 -18.21 -0.43
C ASN B 406 -5.49 -18.35 -1.18
N VAL B 407 -6.41 -17.40 -0.97
CA VAL B 407 -7.72 -17.52 -1.58
C VAL B 407 -8.13 -16.26 -2.37
N VAL B 408 -8.34 -15.15 -1.66
CA VAL B 408 -8.89 -13.96 -2.29
C VAL B 408 -8.10 -13.48 -3.52
N CYS B 409 -6.79 -13.35 -3.38
CA CYS B 409 -6.02 -12.81 -4.48
C CYS B 409 -5.90 -13.77 -5.66
N PRO B 410 -5.66 -15.06 -5.37
CA PRO B 410 -5.77 -16.10 -6.42
C PRO B 410 -7.12 -16.08 -7.14
N VAL B 411 -8.20 -15.85 -6.40
CA VAL B 411 -9.52 -15.75 -7.01
C VAL B 411 -9.66 -14.48 -7.85
N ALA B 412 -9.20 -13.35 -7.34
CA ALA B 412 -9.28 -12.10 -8.08
C ALA B 412 -8.52 -12.24 -9.38
N GLN B 413 -7.34 -12.83 -9.25
CA GLN B 413 -6.48 -13.16 -10.37
C GLN B 413 -7.18 -14.02 -11.44
N LEU B 414 -7.75 -15.13 -11.01
CA LEU B 414 -8.44 -16.02 -11.92
C LEU B 414 -9.63 -15.32 -12.60
N ALA B 415 -10.40 -14.56 -11.82
CA ALA B 415 -11.60 -13.91 -12.32
C ALA B 415 -11.24 -13.00 -13.49
N GLY B 416 -10.22 -12.18 -13.27
CA GLY B 416 -9.70 -11.30 -14.29
C GLY B 416 -9.25 -12.02 -15.54
N ARG B 417 -8.49 -13.10 -15.39
CA ARG B 417 -8.00 -13.83 -16.56
C ARG B 417 -9.13 -14.47 -17.36
N LEU B 418 -10.13 -15.01 -16.67
CA LEU B 418 -11.22 -15.66 -17.38
C LEU B 418 -12.08 -14.60 -18.10
N ALA B 419 -12.32 -13.48 -17.44
CA ALA B 419 -13.13 -12.43 -18.01
C ALA B 419 -12.43 -11.88 -19.26
N ALA B 420 -11.18 -11.48 -19.06
CA ALA B 420 -10.32 -11.01 -20.13
C ALA B 420 -10.32 -11.95 -21.33
N GLN B 421 -10.31 -13.26 -21.08
CA GLN B 421 -10.22 -14.20 -22.18
C GLN B 421 -11.53 -14.88 -22.60
N GLY B 422 -12.62 -14.13 -22.51
CA GLY B 422 -13.86 -14.55 -23.14
C GLY B 422 -14.93 -15.11 -22.23
N ALA B 423 -14.53 -15.57 -21.05
CA ALA B 423 -15.48 -16.19 -20.13
C ALA B 423 -16.50 -15.19 -19.57
N ARG B 424 -17.69 -15.69 -19.29
CA ARG B 424 -18.68 -14.91 -18.57
C ARG B 424 -18.52 -15.22 -17.09
N VAL B 425 -18.20 -14.20 -16.31
CA VAL B 425 -17.82 -14.40 -14.92
C VAL B 425 -18.75 -13.66 -13.95
N TYR B 426 -19.18 -14.34 -12.90
CA TYR B 426 -19.94 -13.71 -11.83
C TYR B 426 -19.20 -13.91 -10.52
N ALA B 427 -19.18 -12.88 -9.70
CA ALA B 427 -18.32 -12.89 -8.53
C ALA B 427 -19.08 -12.44 -7.32
N TYR B 428 -18.72 -13.01 -6.17
CA TYR B 428 -19.39 -12.64 -4.93
C TYR B 428 -18.44 -12.68 -3.77
N ILE B 429 -18.89 -12.08 -2.67
CA ILE B 429 -18.27 -12.31 -1.39
C ILE B 429 -19.39 -12.62 -0.41
N PHE B 430 -19.17 -13.64 0.41
CA PHE B 430 -20.16 -14.11 1.37
C PHE B 430 -19.83 -13.54 2.74
N GLU B 431 -20.74 -12.74 3.28
CA GLU B 431 -20.45 -11.98 4.50
C GLU B 431 -21.34 -12.31 5.68
N HIS B 432 -22.20 -13.31 5.53
CA HIS B 432 -23.08 -13.66 6.64
C HIS B 432 -22.55 -14.79 7.52
N ARG B 433 -22.29 -14.48 8.79
CA ARG B 433 -21.89 -15.47 9.79
C ARG B 433 -23.12 -16.21 10.36
N ALA B 434 -23.12 -17.53 10.30
CA ALA B 434 -24.28 -18.31 10.72
C ALA B 434 -24.55 -18.13 12.21
N SER B 435 -25.83 -18.01 12.55
CA SER B 435 -26.24 -17.86 13.94
C SER B 435 -25.90 -19.09 14.78
N THR B 436 -25.84 -20.24 14.12
CA THR B 436 -25.52 -21.50 14.77
C THR B 436 -24.02 -21.81 14.82
N LEU B 437 -23.19 -20.84 14.47
CA LEU B 437 -21.75 -21.09 14.33
C LEU B 437 -21.05 -21.39 15.67
N THR B 438 -20.26 -22.47 15.70
CA THR B 438 -19.60 -22.86 16.95
C THR B 438 -18.20 -22.28 17.16
N TRP B 439 -17.65 -21.56 16.17
CA TRP B 439 -16.34 -20.92 16.34
C TRP B 439 -16.47 -19.53 16.98
N PRO B 440 -15.40 -19.06 17.63
CA PRO B 440 -15.42 -17.74 18.30
C PRO B 440 -15.76 -16.63 17.31
N LEU B 441 -16.31 -15.54 17.83
CA LEU B 441 -16.66 -14.40 16.99
C LEU B 441 -15.49 -13.89 16.18
N TRP B 442 -14.29 -13.95 16.74
CA TRP B 442 -13.16 -13.30 16.09
C TRP B 442 -12.79 -13.86 14.73
N MET B 443 -13.28 -15.06 14.43
CA MET B 443 -12.99 -15.69 13.15
C MET B 443 -13.99 -15.24 12.09
N GLY B 444 -15.02 -14.52 12.54
CA GLY B 444 -16.06 -14.03 11.66
C GLY B 444 -16.72 -15.13 10.85
N VAL B 445 -16.70 -14.98 9.52
CA VAL B 445 -17.21 -15.97 8.57
C VAL B 445 -16.04 -16.75 7.98
N PRO B 446 -15.76 -17.96 8.51
CA PRO B 446 -14.54 -18.69 8.10
C PRO B 446 -14.70 -19.55 6.86
N HIS B 447 -13.55 -19.90 6.31
CA HIS B 447 -13.43 -20.86 5.22
C HIS B 447 -14.33 -22.07 5.44
N GLY B 448 -15.36 -22.21 4.61
CA GLY B 448 -16.23 -23.36 4.66
C GLY B 448 -17.70 -23.07 4.98
N TYR B 449 -17.97 -21.93 5.62
CA TYR B 449 -19.28 -21.72 6.26
C TYR B 449 -20.37 -21.02 5.44
N GLU B 450 -20.23 -21.02 4.13
CA GLU B 450 -21.30 -20.62 3.25
C GLU B 450 -22.01 -21.88 2.73
N ILE B 451 -21.30 -23.01 2.81
CA ILE B 451 -21.80 -24.25 2.25
C ILE B 451 -23.16 -24.68 2.80
N GLU B 452 -23.31 -24.66 4.12
CA GLU B 452 -24.60 -25.02 4.72
C GLU B 452 -25.75 -24.19 4.14
N PHE B 453 -25.48 -22.93 3.80
CA PHE B 453 -26.51 -22.07 3.23
C PHE B 453 -26.83 -22.38 1.78
N ILE B 454 -25.81 -22.67 0.98
CA ILE B 454 -25.98 -23.01 -0.43
C ILE B 454 -26.75 -24.31 -0.61
N PHE B 455 -26.50 -25.28 0.28
CA PHE B 455 -27.19 -26.56 0.25
C PHE B 455 -28.59 -26.48 0.85
N GLY B 456 -28.86 -25.39 1.58
CA GLY B 456 -30.18 -25.10 2.07
C GLY B 456 -30.55 -25.70 3.42
N LEU B 457 -29.54 -26.02 4.23
CA LEU B 457 -29.79 -26.61 5.54
C LEU B 457 -30.70 -25.78 6.45
N PRO B 458 -30.65 -24.45 6.35
CA PRO B 458 -31.53 -23.72 7.27
C PRO B 458 -33.01 -23.96 6.98
N LEU B 459 -33.32 -24.65 5.90
CA LEU B 459 -34.69 -25.01 5.58
C LEU B 459 -35.20 -26.17 6.45
N ASP B 460 -34.28 -26.84 7.14
CA ASP B 460 -34.65 -27.85 8.11
C ASP B 460 -34.86 -27.18 9.46
N PRO B 461 -36.11 -27.17 9.95
CA PRO B 461 -36.48 -26.35 11.10
C PRO B 461 -35.81 -26.85 12.38
N SER B 462 -35.51 -28.14 12.43
CA SER B 462 -34.90 -28.73 13.62
C SER B 462 -33.46 -28.26 13.83
N LEU B 463 -32.93 -27.54 12.85
CA LEU B 463 -31.54 -27.07 12.92
C LEU B 463 -31.43 -25.73 13.66
N ASN B 464 -32.55 -25.04 13.77
CA ASN B 464 -32.61 -23.82 14.57
C ASN B 464 -31.83 -22.64 13.98
N TYR B 465 -31.92 -22.48 12.67
CA TYR B 465 -31.48 -21.27 12.02
C TYR B 465 -32.60 -20.26 12.14
N THR B 466 -32.29 -18.97 12.22
CA THR B 466 -33.32 -17.94 12.25
C THR B 466 -34.13 -17.99 10.97
N THR B 467 -35.26 -17.29 10.98
CA THR B 467 -36.15 -17.31 9.83
C THR B 467 -35.56 -16.49 8.70
N GLU B 468 -34.75 -15.49 9.05
CA GLU B 468 -34.06 -14.69 8.03
C GLU B 468 -33.05 -15.56 7.28
N GLU B 469 -32.32 -16.39 8.03
CA GLU B 469 -31.35 -17.30 7.45
C GLU B 469 -32.01 -18.28 6.51
N ARG B 470 -33.28 -18.58 6.76
CA ARG B 470 -34.00 -19.53 5.93
C ARG B 470 -34.31 -18.87 4.59
N ILE B 471 -34.73 -17.62 4.64
CA ILE B 471 -35.04 -16.82 3.45
C ILE B 471 -33.78 -16.52 2.63
N PHE B 472 -32.69 -16.27 3.35
CA PHE B 472 -31.38 -16.13 2.76
C PHE B 472 -31.01 -17.40 1.99
N ALA B 473 -31.01 -18.54 2.69
CA ALA B 473 -30.70 -19.82 2.07
C ALA B 473 -31.48 -20.01 0.79
N GLN B 474 -32.72 -19.56 0.79
CA GLN B 474 -33.55 -19.73 -0.39
C GLN B 474 -33.07 -18.85 -1.56
N ARG B 475 -32.59 -17.65 -1.24
CA ARG B 475 -32.03 -16.79 -2.27
C ARG B 475 -30.82 -17.47 -2.88
N LEU B 476 -29.91 -17.92 -2.02
CA LEU B 476 -28.66 -18.51 -2.49
C LEU B 476 -28.92 -19.71 -3.39
N MET B 477 -29.80 -20.59 -2.97
CA MET B 477 -30.15 -21.77 -3.77
C MET B 477 -30.66 -21.34 -5.13
N LYS B 478 -31.37 -20.22 -5.14
CA LYS B 478 -31.98 -19.72 -6.38
C LYS B 478 -30.90 -19.16 -7.31
N TYR B 479 -29.89 -18.51 -6.74
CA TYR B 479 -28.81 -17.96 -7.56
C TYR B 479 -28.04 -19.09 -8.18
N TRP B 480 -27.60 -20.01 -7.33
CA TRP B 480 -26.83 -21.18 -7.75
C TRP B 480 -27.56 -22.01 -8.81
N THR B 481 -28.83 -22.31 -8.57
CA THR B 481 -29.56 -23.11 -9.54
C THR B 481 -29.93 -22.33 -10.80
N ASN B 482 -30.13 -21.02 -10.67
CA ASN B 482 -30.35 -20.19 -11.85
C ASN B 482 -29.12 -20.22 -12.68
N PHE B 483 -27.99 -20.01 -12.02
CA PHE B 483 -26.73 -20.11 -12.72
C PHE B 483 -26.63 -21.48 -13.39
N ALA B 484 -27.05 -22.53 -12.68
CA ALA B 484 -26.97 -23.88 -13.26
C ALA B 484 -27.83 -24.02 -14.51
N ARG B 485 -29.04 -23.46 -14.47
CA ARG B 485 -29.95 -23.53 -15.61
C ARG B 485 -29.46 -22.71 -16.81
N THR B 486 -28.91 -21.52 -16.54
CA THR B 486 -28.72 -20.54 -17.60
C THR B 486 -27.33 -19.93 -17.71
N GLY B 487 -26.47 -20.19 -16.73
CA GLY B 487 -25.15 -19.59 -16.74
C GLY B 487 -25.20 -18.16 -16.25
N ASP B 488 -26.35 -17.78 -15.68
CA ASP B 488 -26.59 -16.45 -15.13
C ASP B 488 -27.38 -16.59 -13.84
N PRO B 489 -26.81 -16.14 -12.70
CA PRO B 489 -27.41 -16.29 -11.36
C PRO B 489 -28.72 -15.52 -11.17
N ASN B 490 -29.04 -14.63 -12.10
CA ASN B 490 -30.18 -13.73 -11.93
C ASN B 490 -31.54 -14.38 -12.23
N ASP B 491 -32.51 -14.13 -11.35
CA ASP B 491 -33.87 -14.62 -11.52
C ASP B 491 -34.45 -14.10 -12.82
N PRO B 492 -34.60 -14.99 -13.82
CA PRO B 492 -34.86 -14.67 -15.24
C PRO B 492 -36.23 -14.01 -15.48
N ARG B 493 -37.08 -14.07 -14.46
CA ARG B 493 -38.33 -13.33 -14.46
C ARG B 493 -38.52 -12.77 -13.05
N ASP B 494 -38.02 -11.55 -12.88
CA ASP B 494 -37.96 -10.88 -11.60
C ASP B 494 -37.22 -9.56 -11.79
N SER B 495 -37.93 -8.46 -11.60
CA SER B 495 -37.30 -7.14 -11.64
C SER B 495 -36.74 -6.76 -10.27
N LYS B 496 -35.64 -6.01 -10.29
CA LYS B 496 -35.10 -5.39 -9.09
C LYS B 496 -34.57 -6.42 -8.07
N SER B 497 -33.30 -6.26 -7.73
CA SER B 497 -32.67 -6.93 -6.59
C SER B 497 -31.55 -6.08 -5.95
N PRO B 498 -30.86 -5.23 -6.75
CA PRO B 498 -30.89 -5.14 -8.21
C PRO B 498 -30.12 -6.29 -8.83
N GLN B 499 -29.82 -6.18 -10.12
CA GLN B 499 -29.15 -7.25 -10.86
C GLN B 499 -27.73 -7.59 -10.37
N TRP B 500 -27.38 -8.87 -10.47
CA TRP B 500 -26.00 -9.32 -10.30
C TRP B 500 -25.26 -9.12 -11.62
N PRO B 501 -24.32 -8.16 -11.67
CA PRO B 501 -23.62 -7.87 -12.91
C PRO B 501 -22.41 -8.81 -13.09
N PRO B 502 -22.06 -9.10 -14.34
CA PRO B 502 -20.87 -9.89 -14.61
C PRO B 502 -19.58 -9.22 -14.12
N TYR B 503 -18.63 -10.02 -13.68
CA TYR B 503 -17.33 -9.47 -13.34
C TYR B 503 -16.51 -9.26 -14.61
N THR B 504 -15.91 -8.09 -14.73
CA THR B 504 -15.10 -7.72 -15.89
C THR B 504 -13.84 -7.06 -15.38
N THR B 505 -12.78 -7.13 -16.16
CA THR B 505 -11.51 -6.54 -15.76
C THR B 505 -11.62 -5.03 -15.64
N ALA B 506 -12.44 -4.42 -16.49
CA ALA B 506 -12.68 -2.97 -16.40
C ALA B 506 -13.40 -2.58 -15.09
N ALA B 507 -14.71 -2.86 -15.01
CA ALA B 507 -15.50 -2.43 -13.86
C ALA B 507 -15.24 -3.24 -12.58
N GLN B 508 -14.80 -4.49 -12.72
CA GLN B 508 -14.48 -5.36 -11.58
C GLN B 508 -15.61 -5.48 -10.55
N GLN B 509 -16.84 -5.50 -11.03
CA GLN B 509 -17.99 -5.61 -10.14
C GLN B 509 -18.24 -7.01 -9.57
N TYR B 510 -18.61 -7.04 -8.31
CA TYR B 510 -18.94 -8.28 -7.64
C TYR B 510 -20.02 -7.96 -6.60
N VAL B 511 -20.62 -8.96 -5.98
CA VAL B 511 -21.73 -8.66 -5.08
C VAL B 511 -21.50 -9.20 -3.69
N SER B 512 -22.19 -8.60 -2.72
CA SER B 512 -22.07 -9.07 -1.36
C SER B 512 -23.28 -9.94 -1.05
N LEU B 513 -23.01 -11.18 -0.65
CA LEU B 513 -24.07 -12.10 -0.25
C LEU B 513 -24.21 -12.09 1.27
N ASN B 514 -25.30 -11.48 1.74
CA ASN B 514 -25.63 -11.49 3.16
C ASN B 514 -27.12 -11.25 3.36
N LEU B 515 -27.51 -10.91 4.59
CA LEU B 515 -28.92 -10.83 4.92
C LEU B 515 -29.63 -9.66 4.25
N LYS B 516 -28.89 -8.60 3.98
CA LYS B 516 -29.43 -7.48 3.23
C LYS B 516 -29.44 -7.83 1.74
N PRO B 517 -30.23 -7.11 0.93
CA PRO B 517 -30.33 -7.37 -0.50
C PRO B 517 -28.99 -7.15 -1.23
N LEU B 518 -28.84 -7.73 -2.42
CA LEU B 518 -27.60 -7.60 -3.19
C LEU B 518 -27.05 -6.19 -3.23
N GLU B 519 -25.78 -6.08 -2.92
CA GLU B 519 -25.07 -4.82 -3.04
C GLU B 519 -23.93 -5.04 -4.04
N VAL B 520 -23.92 -4.24 -5.10
CA VAL B 520 -22.86 -4.31 -6.10
C VAL B 520 -21.66 -3.46 -5.65
N ARG B 521 -20.50 -4.08 -5.56
CA ARG B 521 -19.26 -3.36 -5.22
C ARG B 521 -18.25 -3.45 -6.35
N ARG B 522 -17.20 -2.64 -6.30
CA ARG B 522 -16.21 -2.67 -7.36
C ARG B 522 -14.84 -2.97 -6.82
N GLY B 523 -14.16 -3.93 -7.43
CA GLY B 523 -12.79 -4.24 -7.08
C GLY B 523 -12.66 -5.15 -5.88
N LEU B 524 -12.23 -6.37 -6.13
CA LEU B 524 -12.04 -7.37 -5.08
C LEU B 524 -10.66 -7.21 -4.47
N ARG B 525 -10.55 -6.42 -3.40
CA ARG B 525 -9.26 -6.15 -2.78
C ARG B 525 -8.19 -5.70 -3.79
N ALA B 526 -8.58 -4.81 -4.71
CA ALA B 526 -7.71 -4.48 -5.84
C ALA B 526 -6.27 -4.05 -5.50
N GLN B 527 -6.11 -3.16 -4.53
CA GLN B 527 -4.77 -2.68 -4.15
C GLN B 527 -3.95 -3.78 -3.53
N THR B 528 -4.56 -4.52 -2.61
CA THR B 528 -3.85 -5.60 -1.92
C THR B 528 -3.53 -6.77 -2.85
N CYS B 529 -4.43 -7.06 -3.78
CA CYS B 529 -4.18 -8.16 -4.70
C CYS B 529 -3.14 -7.77 -5.74
N ALA B 530 -3.05 -6.48 -6.02
CA ALA B 530 -1.96 -5.96 -6.83
C ALA B 530 -0.61 -6.25 -6.14
N PHE B 531 -0.57 -6.04 -4.83
CA PHE B 531 0.64 -6.38 -4.08
C PHE B 531 0.97 -7.86 -4.24
N TRP B 532 -0.02 -8.71 -3.97
CA TRP B 532 0.21 -10.15 -3.99
C TRP B 532 0.39 -10.69 -5.39
N ASN B 533 -0.41 -10.19 -6.34
CA ASN B 533 -0.39 -10.76 -7.70
C ASN B 533 0.63 -10.12 -8.61
N ARG B 534 0.98 -8.87 -8.36
CA ARG B 534 1.87 -8.13 -9.24
C ARG B 534 3.25 -7.83 -8.64
N PHE B 535 3.30 -7.48 -7.36
CA PHE B 535 4.58 -7.10 -6.80
C PHE B 535 5.37 -8.24 -6.18
N LEU B 536 4.78 -8.94 -5.22
CA LEU B 536 5.49 -9.99 -4.52
C LEU B 536 6.28 -10.95 -5.42
N PRO B 537 5.67 -11.40 -6.53
CA PRO B 537 6.39 -12.30 -7.44
C PRO B 537 7.74 -11.73 -7.88
N LYS B 538 7.76 -10.46 -8.31
CA LYS B 538 9.00 -9.80 -8.68
C LYS B 538 9.98 -9.87 -7.53
N LEU B 539 9.48 -9.60 -6.34
CA LEU B 539 10.31 -9.54 -5.15
C LEU B 539 10.96 -10.87 -4.81
N LEU B 540 10.40 -11.94 -5.34
CA LEU B 540 10.89 -13.28 -5.04
C LEU B 540 11.69 -13.86 -6.20
N SER B 541 11.24 -13.61 -7.42
CA SER B 541 11.99 -13.95 -8.61
C SER B 541 13.07 -12.88 -8.82
N ALA B 542 13.75 -12.59 -7.71
CA ALA B 542 14.85 -11.62 -7.61
C ALA B 542 15.21 -11.69 -6.14
N THR B 543 14.88 -12.85 -5.55
CA THR B 543 15.00 -13.17 -4.12
C THR B 543 14.72 -12.01 -3.15
#